data_5HCA
#
_entry.id   5HCA
#
_cell.length_a   74.360
_cell.length_b   143.440
_cell.length_c   171.590
_cell.angle_alpha   90.00
_cell.angle_beta   90.00
_cell.angle_gamma   90.00
#
_symmetry.space_group_name_H-M   'P 21 21 21'
#
loop_
_entity.id
_entity.type
_entity.pdbx_description
1 polymer Calreticulin,Calreticulin
2 non-polymer 'CALCIUM ION'
3 non-polymer 'SULFATE ION'
4 non-polymer 'AMMONIUM ION'
5 non-polymer 'CHLORIDE ION'
6 non-polymer 'ACETATE ION'
7 non-polymer beta-D-glucopyranose
8 water water
#
_entity_poly.entity_id   1
_entity_poly.type   'polypeptide(L)'
_entity_poly.pdbx_seq_one_letter_code
;MSAKVYFHETFENRDKWIDSTSSGKALGPFKIVSGKWYGDANNKGLQTSEDNKFYIAAAKLDEEFSNKDKNLIVQYNLKF
EQGIDCGGGYIKLLPKKSIESEEKFTPESEYNIMFGPDVCGGSKRTHVIMNYKGKNNLIRKEIKCESDDISHLYTLIIRP
NNTYVVKIDGVEKQEGKFDEDWDMLAPKEIDDGSGIANPDYVYDPELYKYDSFAYIGIDVWQVKAGTIYDDILITDDIEE
AEKEAKVILERNAAEKKMRDEIKEAENGHHHHHH
;
_entity_poly.pdbx_strand_id   C,A,B
#
# COMPACT_ATOMS: atom_id res chain seq x y z
N ALA A 3 20.95 26.34 2.18
CA ALA A 3 20.45 25.18 2.92
C ALA A 3 20.18 25.55 4.37
N LYS A 4 18.93 25.41 4.82
CA LYS A 4 18.54 25.81 6.17
C LYS A 4 18.17 24.57 6.99
N VAL A 5 19.05 24.21 7.92
CA VAL A 5 18.75 23.22 8.95
C VAL A 5 17.98 23.90 10.07
N TYR A 6 16.74 23.46 10.30
CA TYR A 6 15.86 24.03 11.32
C TYR A 6 16.00 23.34 12.68
N PHE A 7 16.62 22.16 12.72
CA PHE A 7 16.75 21.38 13.93
C PHE A 7 17.63 20.19 13.65
N HIS A 8 18.63 19.98 14.49
CA HIS A 8 19.41 18.75 14.40
C HIS A 8 19.81 18.37 15.81
N GLU A 9 19.08 17.40 16.34
CA GLU A 9 19.28 16.89 17.68
C GLU A 9 20.09 15.60 17.59
N THR A 10 21.27 15.59 18.19
CA THR A 10 22.07 14.37 18.31
C THR A 10 21.98 13.75 19.69
N PHE A 11 21.30 14.41 20.63
CA PHE A 11 21.08 13.93 21.99
C PHE A 11 22.39 13.65 22.73
N GLU A 12 23.37 14.56 22.59
CA GLU A 12 24.44 14.62 23.59
C GLU A 12 23.87 14.86 24.98
N ASN A 13 22.79 15.64 25.06
CA ASN A 13 22.01 15.87 26.27
C ASN A 13 20.59 16.19 25.82
N ARG A 14 19.66 16.28 26.80
CA ARG A 14 18.29 16.68 26.50
C ARG A 14 17.96 18.04 27.13
N ASP A 15 18.96 18.92 27.26
CA ASP A 15 18.75 20.22 27.91
C ASP A 15 17.52 20.95 27.37
N LYS A 16 17.28 20.88 26.06
CA LYS A 16 16.21 21.63 25.40
C LYS A 16 14.82 21.03 25.63
N TRP A 17 14.73 19.76 26.02
CA TRP A 17 13.47 19.03 26.06
C TRP A 17 12.86 19.11 27.46
N ILE A 18 11.60 19.51 27.55
N ILE A 18 11.61 19.54 27.55
CA ILE A 18 10.93 19.79 28.82
CA ILE A 18 10.95 19.79 28.83
C ILE A 18 9.77 18.82 28.98
C ILE A 18 9.77 18.82 29.00
N ASP A 19 9.79 18.05 30.07
CA ASP A 19 8.67 17.16 30.39
C ASP A 19 7.37 17.94 30.62
N SER A 20 6.26 17.36 30.18
CA SER A 20 4.94 18.00 30.33
C SER A 20 4.50 18.06 31.78
N THR A 21 3.96 19.22 32.19
CA THR A 21 3.27 19.35 33.46
C THR A 21 1.75 19.34 33.30
N SER A 22 1.24 19.26 32.07
CA SER A 22 -0.17 19.54 31.84
C SER A 22 -0.99 18.32 31.40
N SER A 23 -0.38 17.15 31.24
CA SER A 23 -1.10 16.04 30.62
C SER A 23 -1.97 15.26 31.61
N GLY A 24 -1.70 15.35 32.90
CA GLY A 24 -2.42 14.55 33.87
C GLY A 24 -2.10 13.06 33.85
N LYS A 25 -1.13 12.61 33.06
CA LYS A 25 -0.80 11.20 32.95
C LYS A 25 0.38 10.83 33.85
N ALA A 26 0.51 9.54 34.12
CA ALA A 26 1.64 9.00 34.87
C ALA A 26 2.85 8.88 33.93
N LEU A 27 3.88 9.66 34.21
CA LEU A 27 5.03 9.78 33.31
C LEU A 27 6.21 9.00 33.85
N GLY A 28 7.09 8.59 32.94
CA GLY A 28 8.38 8.07 33.31
C GLY A 28 9.49 9.00 32.83
N PRO A 29 10.70 8.75 33.30
CA PRO A 29 11.81 9.64 32.94
C PRO A 29 12.61 9.14 31.73
N PHE A 30 13.03 10.08 30.89
CA PHE A 30 13.95 9.78 29.80
C PHE A 30 15.38 9.67 30.33
N LYS A 31 16.22 8.94 29.60
CA LYS A 31 17.63 8.83 29.94
C LYS A 31 18.47 8.93 28.67
N ILE A 32 19.65 9.53 28.80
CA ILE A 32 20.62 9.67 27.71
C ILE A 32 21.58 8.47 27.78
N VAL A 33 21.52 7.58 26.80
CA VAL A 33 22.24 6.30 26.90
C VAL A 33 22.94 5.94 25.59
N SER A 34 23.88 4.99 25.70
CA SER A 34 24.60 4.46 24.56
C SER A 34 23.80 3.40 23.79
N GLY A 35 23.09 2.54 24.52
CA GLY A 35 22.36 1.41 23.96
C GLY A 35 23.12 0.10 24.13
N LYS A 36 22.37 -1.00 23.95
CA LYS A 36 22.99 -2.33 24.04
C LYS A 36 23.90 -2.62 22.85
N TRP A 37 23.65 -2.01 21.70
CA TRP A 37 24.55 -2.11 20.55
C TRP A 37 24.56 -0.77 19.84
N TYR A 38 25.70 -0.41 19.26
CA TYR A 38 25.86 0.93 18.71
C TYR A 38 26.98 0.91 17.68
N GLY A 39 26.99 1.94 16.83
CA GLY A 39 27.99 2.05 15.77
C GLY A 39 29.07 3.07 16.07
N ASP A 40 28.81 3.92 17.07
CA ASP A 40 29.74 4.97 17.48
C ASP A 40 29.72 5.05 19.01
N ALA A 41 30.86 4.78 19.64
CA ALA A 41 30.94 4.77 21.09
C ALA A 41 30.75 6.14 21.71
N ASN A 42 30.97 7.23 20.95
CA ASN A 42 30.74 8.59 21.44
C ASN A 42 29.32 9.09 21.17
N ASN A 43 28.51 8.34 20.43
CA ASN A 43 27.15 8.71 20.13
C ASN A 43 26.20 8.23 21.24
N LYS A 44 25.11 8.98 21.46
CA LYS A 44 24.11 8.60 22.47
C LYS A 44 22.70 8.88 21.95
N GLY A 45 21.68 8.41 22.70
CA GLY A 45 20.31 8.57 22.28
C GLY A 45 19.38 8.79 23.47
N LEU A 46 18.13 9.15 23.16
CA LEU A 46 17.12 9.41 24.18
C LEU A 46 16.24 8.17 24.40
N GLN A 47 16.25 7.62 25.62
CA GLN A 47 15.61 6.34 25.92
C GLN A 47 14.48 6.49 26.95
N THR A 48 13.37 5.78 26.72
CA THR A 48 12.34 5.62 27.75
C THR A 48 12.78 4.57 28.76
N SER A 49 12.68 4.88 30.06
CA SER A 49 13.39 4.09 31.06
C SER A 49 12.52 3.13 31.88
N GLU A 50 11.19 3.28 31.87
CA GLU A 50 10.33 2.56 32.82
C GLU A 50 9.08 2.01 32.14
N ASP A 51 8.76 0.75 32.43
CA ASP A 51 7.65 0.04 31.78
C ASP A 51 6.29 0.58 32.22
N ASN A 52 5.31 0.52 31.31
CA ASN A 52 3.92 0.88 31.59
C ASN A 52 3.79 2.32 32.09
N LYS A 53 4.31 3.26 31.29
CA LYS A 53 4.26 4.70 31.57
C LYS A 53 4.11 5.46 30.25
N PHE A 54 3.64 6.70 30.34
CA PHE A 54 3.72 7.64 29.23
C PHE A 54 5.05 8.39 29.25
N TYR A 55 5.47 8.85 28.06
CA TYR A 55 6.69 9.63 27.93
C TYR A 55 6.34 10.85 27.08
N ILE A 56 6.32 12.03 27.70
CA ILE A 56 5.76 13.25 27.09
C ILE A 56 6.73 14.41 27.34
N ALA A 57 7.39 14.89 26.29
CA ALA A 57 8.27 16.06 26.40
C ALA A 57 8.32 16.79 25.06
N ALA A 58 8.69 18.07 25.11
CA ALA A 58 8.74 18.90 23.91
C ALA A 58 9.94 19.84 23.95
N ALA A 59 10.42 20.21 22.75
CA ALA A 59 11.55 21.11 22.61
C ALA A 59 11.26 22.16 21.55
N LYS A 60 11.90 23.31 21.69
CA LYS A 60 11.80 24.37 20.70
C LYS A 60 12.72 24.10 19.50
N LEU A 61 12.24 24.40 18.29
CA LEU A 61 13.07 24.32 17.11
C LEU A 61 14.10 25.47 17.09
N ASP A 62 15.17 25.29 16.29
CA ASP A 62 16.20 26.32 16.21
C ASP A 62 15.64 27.66 15.77
N GLU A 63 14.61 27.65 14.93
CA GLU A 63 13.94 28.87 14.53
C GLU A 63 12.55 28.50 14.04
N GLU A 64 11.60 29.40 14.22
CA GLU A 64 10.26 29.22 13.67
C GLU A 64 10.31 29.35 12.15
N PHE A 65 9.55 28.50 11.44
CA PHE A 65 9.56 28.59 9.98
C PHE A 65 8.23 28.10 9.41
N SER A 66 8.01 28.46 8.15
CA SER A 66 6.92 27.94 7.34
C SER A 66 7.48 27.18 6.14
N ASN A 67 6.80 26.10 5.75
CA ASN A 67 7.21 25.31 4.58
C ASN A 67 6.45 25.70 3.31
N LYS A 68 5.92 26.93 3.25
CA LYS A 68 5.20 27.36 2.06
C LYS A 68 6.17 27.50 0.89
N ASP A 69 5.87 26.83 -0.22
CA ASP A 69 6.69 26.86 -1.45
C ASP A 69 8.11 26.33 -1.24
N LYS A 70 8.27 25.34 -0.37
CA LYS A 70 9.58 24.78 -0.06
C LYS A 70 9.40 23.30 0.21
N ASN A 71 10.50 22.55 0.10
CA ASN A 71 10.52 21.20 0.62
C ASN A 71 10.63 21.21 2.14
N LEU A 72 10.10 20.16 2.76
CA LEU A 72 10.32 19.89 4.17
C LEU A 72 10.72 18.43 4.31
N ILE A 73 11.84 18.18 5.00
CA ILE A 73 12.32 16.82 5.21
C ILE A 73 12.40 16.55 6.71
N VAL A 74 11.70 15.50 7.14
CA VAL A 74 11.68 15.06 8.54
C VAL A 74 12.32 13.68 8.58
N GLN A 75 13.47 13.57 9.25
CA GLN A 75 14.29 12.37 9.15
C GLN A 75 14.87 12.03 10.53
N TYR A 76 14.54 10.84 11.06
CA TYR A 76 15.02 10.49 12.39
C TYR A 76 15.24 8.98 12.50
N ASN A 77 16.15 8.63 13.40
CA ASN A 77 16.65 7.27 13.59
C ASN A 77 16.06 6.75 14.91
N LEU A 78 15.32 5.64 14.84
CA LEU A 78 14.53 5.12 15.96
C LEU A 78 14.81 3.62 16.15
N LYS A 79 14.95 3.17 17.40
CA LYS A 79 15.34 1.78 17.68
C LYS A 79 14.53 1.20 18.84
N PHE A 80 13.86 0.07 18.60
CA PHE A 80 13.18 -0.72 19.64
C PHE A 80 14.10 -1.82 20.16
N GLU A 81 15.12 -1.42 20.93
CA GLU A 81 16.12 -2.42 21.32
C GLU A 81 15.56 -3.48 22.27
N GLN A 82 14.39 -3.26 22.87
CA GLN A 82 13.87 -4.11 23.95
C GLN A 82 13.08 -5.32 23.48
N GLY A 83 12.77 -5.45 22.18
CA GLY A 83 11.82 -6.46 21.76
C GLY A 83 10.38 -6.05 22.03
N ILE A 84 9.88 -5.11 21.22
CA ILE A 84 8.68 -4.36 21.56
C ILE A 84 7.43 -5.21 21.40
N ASP A 85 6.58 -5.23 22.42
CA ASP A 85 5.25 -5.84 22.37
C ASP A 85 4.14 -4.82 22.09
N CYS A 86 4.15 -3.66 22.75
N CYS A 86 4.19 -3.68 22.76
CA CYS A 86 3.18 -2.60 22.48
CA CYS A 86 3.21 -2.60 22.57
C CYS A 86 3.79 -1.30 22.96
C CYS A 86 3.89 -1.30 22.97
N GLY A 87 4.06 -0.37 22.03
CA GLY A 87 4.68 0.89 22.36
C GLY A 87 4.80 1.80 21.16
N GLY A 88 4.65 3.13 21.39
CA GLY A 88 4.78 4.08 20.30
C GLY A 88 6.22 4.50 20.10
N GLY A 89 6.53 5.01 18.90
CA GLY A 89 7.90 5.45 18.62
C GLY A 89 7.95 6.64 17.68
N TYR A 90 6.86 7.40 17.64
CA TYR A 90 6.61 8.46 16.66
C TYR A 90 6.96 9.84 17.26
N ILE A 91 6.84 10.88 16.45
CA ILE A 91 7.11 12.26 16.85
C ILE A 91 5.98 13.14 16.31
N LYS A 92 5.91 14.37 16.85
CA LYS A 92 4.95 15.40 16.44
C LYS A 92 5.65 16.74 16.21
N LEU A 93 5.22 17.48 15.20
CA LEU A 93 5.66 18.85 14.98
C LEU A 93 4.51 19.81 15.21
N LEU A 94 4.76 20.90 15.93
CA LEU A 94 3.71 21.77 16.46
C LEU A 94 3.92 23.23 16.09
N PRO A 95 2.83 23.95 15.84
CA PRO A 95 2.91 25.39 15.60
C PRO A 95 3.05 26.20 16.89
N LYS A 96 3.49 27.45 16.72
CA LYS A 96 3.72 28.33 17.86
C LYS A 96 2.46 28.50 18.72
N LYS A 97 1.29 28.62 18.09
CA LYS A 97 0.07 28.87 18.86
C LYS A 97 -0.48 27.63 19.55
N SER A 98 0.10 26.45 19.29
CA SER A 98 -0.43 25.25 19.93
C SER A 98 -0.30 25.31 21.44
N ILE A 99 0.82 25.83 21.94
CA ILE A 99 1.15 25.78 23.36
C ILE A 99 1.93 27.03 23.73
N GLU A 100 1.71 27.51 24.96
CA GLU A 100 2.38 28.71 25.43
C GLU A 100 3.88 28.48 25.66
N SER A 101 4.25 27.26 26.04
CA SER A 101 5.65 26.90 26.26
C SER A 101 5.74 25.37 26.29
N GLU A 102 6.97 24.87 26.36
CA GLU A 102 7.19 23.43 26.14
C GLU A 102 6.38 22.55 27.09
N GLU A 103 6.27 22.96 28.36
CA GLU A 103 5.66 22.14 29.40
C GLU A 103 4.14 22.03 29.29
N LYS A 104 3.50 22.84 28.44
CA LYS A 104 2.06 22.72 28.18
C LYS A 104 1.71 21.61 27.17
N PHE A 105 2.71 20.97 26.53
CA PHE A 105 2.44 19.93 25.53
C PHE A 105 1.70 18.74 26.13
N THR A 106 0.61 18.30 25.49
CA THR A 106 -0.09 17.08 25.87
C THR A 106 -0.51 16.27 24.63
N PRO A 107 -0.96 15.02 24.80
CA PRO A 107 -1.49 14.26 23.64
C PRO A 107 -2.62 14.96 22.91
N GLU A 108 -3.27 15.95 23.53
CA GLU A 108 -4.38 16.66 22.91
C GLU A 108 -3.99 17.99 22.27
N SER A 109 -2.75 18.45 22.44
CA SER A 109 -2.30 19.68 21.79
C SER A 109 -2.40 19.56 20.28
N GLU A 110 -2.76 20.67 19.64
CA GLU A 110 -2.76 20.77 18.18
C GLU A 110 -1.36 20.56 17.61
N TYR A 111 -1.23 19.64 16.64
CA TYR A 111 0.02 19.42 15.94
C TYR A 111 -0.18 19.58 14.43
N ASN A 112 0.91 19.93 13.73
CA ASN A 112 0.89 19.96 12.26
C ASN A 112 1.01 18.55 11.67
N ILE A 113 1.96 17.77 12.16
CA ILE A 113 2.32 16.48 11.57
C ILE A 113 2.66 15.51 12.69
N MET A 114 2.18 14.26 12.56
CA MET A 114 2.63 13.15 13.38
C MET A 114 3.18 12.06 12.47
N PHE A 115 4.38 11.56 12.77
CA PHE A 115 5.12 10.68 11.87
C PHE A 115 5.91 9.64 12.65
N GLY A 116 5.86 8.38 12.19
CA GLY A 116 6.72 7.37 12.79
C GLY A 116 6.06 6.05 13.18
N PRO A 117 6.89 5.11 13.62
CA PRO A 117 6.39 3.76 13.94
C PRO A 117 5.60 3.67 15.24
N ASP A 118 4.77 2.63 15.30
CA ASP A 118 3.81 2.44 16.38
C ASP A 118 3.46 0.95 16.36
N VAL A 119 3.76 0.22 17.43
CA VAL A 119 3.65 -1.25 17.46
C VAL A 119 2.78 -1.66 18.64
N CYS A 120 1.79 -2.53 18.40
N CYS A 120 1.81 -2.54 18.40
CA CYS A 120 0.93 -3.02 19.48
CA CYS A 120 1.09 -3.11 19.53
C CYS A 120 0.05 -4.19 19.08
C CYS A 120 0.11 -4.20 19.08
N GLY A 121 0.17 -5.33 19.77
CA GLY A 121 -0.78 -6.42 19.58
C GLY A 121 -0.88 -6.99 18.18
N GLY A 122 0.22 -7.06 17.44
CA GLY A 122 0.20 -7.49 16.06
C GLY A 122 0.19 -6.34 15.08
N SER A 123 -0.35 -5.20 15.47
CA SER A 123 -0.44 -4.04 14.59
C SER A 123 0.93 -3.37 14.53
N LYS A 124 1.42 -3.09 13.33
CA LYS A 124 2.74 -2.47 13.14
C LYS A 124 2.65 -1.50 11.97
N ARG A 125 2.56 -0.19 12.24
CA ARG A 125 2.33 0.80 11.21
C ARG A 125 3.30 1.98 11.35
N THR A 126 3.61 2.60 10.21
CA THR A 126 4.30 3.90 10.18
C THR A 126 3.25 5.00 10.04
N HIS A 127 3.03 5.78 11.11
CA HIS A 127 2.06 6.87 11.03
C HIS A 127 2.53 7.96 10.06
N VAL A 128 1.59 8.45 9.24
CA VAL A 128 1.71 9.74 8.56
C VAL A 128 0.39 10.48 8.73
N ILE A 129 0.32 11.42 9.68
CA ILE A 129 -0.94 12.12 9.99
C ILE A 129 -0.73 13.61 9.71
N MET A 130 -1.58 14.18 8.86
CA MET A 130 -1.45 15.56 8.40
C MET A 130 -2.61 16.38 8.96
N ASN A 131 -2.32 17.44 9.71
CA ASN A 131 -3.40 18.28 10.21
C ASN A 131 -4.12 18.93 9.04
N TYR A 132 -5.45 18.87 9.09
CA TYR A 132 -6.31 19.40 8.04
C TYR A 132 -6.95 20.72 8.47
N LYS A 133 -7.75 20.71 9.52
CA LYS A 133 -8.36 21.94 10.02
C LYS A 133 -8.80 21.74 11.46
N GLY A 134 -8.61 22.78 12.28
CA GLY A 134 -8.85 22.61 13.70
C GLY A 134 -7.99 21.46 14.22
N LYS A 135 -8.64 20.51 14.91
CA LYS A 135 -7.98 19.28 15.32
C LYS A 135 -8.36 18.09 14.44
N ASN A 136 -8.96 18.33 13.28
CA ASN A 136 -9.22 17.25 12.32
C ASN A 136 -7.96 16.96 11.53
N ASN A 137 -7.65 15.67 11.40
CA ASN A 137 -6.47 15.18 10.70
C ASN A 137 -6.88 14.29 9.54
N LEU A 138 -5.94 14.10 8.60
CA LEU A 138 -6.08 13.16 7.50
C LEU A 138 -5.13 11.98 7.68
N ILE A 139 -5.59 10.79 7.27
CA ILE A 139 -4.80 9.56 7.25
C ILE A 139 -5.09 8.76 5.98
N ARG A 140 -4.16 7.88 5.61
CA ARG A 140 -4.38 6.89 4.55
C ARG A 140 -3.93 5.51 5.04
N LYS A 141 -4.17 4.48 4.22
CA LYS A 141 -3.61 3.16 4.52
C LYS A 141 -2.10 3.24 4.66
N GLU A 142 -1.58 2.72 5.76
CA GLU A 142 -0.20 2.97 6.14
C GLU A 142 0.65 1.72 5.91
N ILE A 143 1.93 1.97 5.58
CA ILE A 143 2.88 0.87 5.44
C ILE A 143 3.25 0.30 6.80
N LYS A 144 3.72 -0.95 6.78
CA LYS A 144 4.25 -1.56 7.99
C LYS A 144 5.43 -0.74 8.52
N CYS A 145 5.68 -0.85 9.81
CA CYS A 145 6.91 -0.32 10.36
C CYS A 145 7.80 -1.50 10.75
N GLU A 146 9.06 -1.21 11.04
CA GLU A 146 9.98 -2.23 11.52
C GLU A 146 9.71 -2.49 13.01
N SER A 147 9.84 -3.76 13.42
CA SER A 147 9.62 -4.13 14.82
C SER A 147 10.75 -4.96 15.41
N ASP A 148 11.89 -5.08 14.73
CA ASP A 148 13.05 -5.77 15.31
C ASP A 148 13.82 -4.84 16.24
N ASP A 149 15.06 -5.20 16.62
CA ASP A 149 15.75 -4.56 17.73
C ASP A 149 16.95 -3.72 17.32
N ILE A 150 17.05 -3.28 16.07
CA ILE A 150 18.13 -2.41 15.62
C ILE A 150 17.52 -1.10 15.11
N SER A 151 18.37 -0.08 14.96
CA SER A 151 17.91 1.24 14.50
C SER A 151 17.44 1.20 13.05
N HIS A 152 16.46 2.05 12.74
CA HIS A 152 15.96 2.25 11.40
C HIS A 152 15.72 3.74 11.18
N LEU A 153 16.11 4.22 10.00
CA LEU A 153 15.97 5.61 9.62
C LEU A 153 14.62 5.81 8.94
N TYR A 154 13.78 6.67 9.52
CA TYR A 154 12.49 7.04 8.94
C TYR A 154 12.61 8.42 8.29
N THR A 155 12.15 8.53 7.05
CA THR A 155 12.23 9.78 6.31
C THR A 155 10.86 10.11 5.74
N LEU A 156 10.42 11.34 5.97
CA LEU A 156 9.20 11.86 5.38
C LEU A 156 9.60 13.11 4.61
N ILE A 157 9.24 13.16 3.33
CA ILE A 157 9.49 14.33 2.49
C ILE A 157 8.15 14.90 2.07
N ILE A 158 7.93 16.19 2.34
N ILE A 158 7.90 16.17 2.35
CA ILE A 158 6.72 16.91 1.96
CA ILE A 158 6.67 16.83 1.91
C ILE A 158 7.10 17.92 0.88
C ILE A 158 7.05 17.90 0.91
N ARG A 159 6.47 17.82 -0.29
CA ARG A 159 6.82 18.71 -1.37
C ARG A 159 5.70 19.69 -1.66
N PRO A 160 6.04 20.91 -2.11
CA PRO A 160 5.03 21.97 -2.25
C PRO A 160 4.09 21.84 -3.44
N ASN A 161 4.13 20.72 -4.19
CA ASN A 161 3.03 20.42 -5.09
C ASN A 161 2.02 19.50 -4.44
N ASN A 162 2.05 19.43 -3.10
CA ASN A 162 1.08 18.66 -2.31
C ASN A 162 1.31 17.15 -2.43
N THR A 163 2.58 16.74 -2.45
CA THR A 163 2.94 15.32 -2.55
C THR A 163 3.93 14.98 -1.46
N TYR A 164 4.25 13.70 -1.33
CA TYR A 164 5.04 13.21 -0.20
C TYR A 164 5.77 11.93 -0.61
N VAL A 165 6.83 11.62 0.14
CA VAL A 165 7.59 10.39 -0.03
C VAL A 165 7.87 9.84 1.37
N VAL A 166 7.69 8.53 1.55
CA VAL A 166 8.03 7.84 2.79
C VAL A 166 9.15 6.82 2.50
N LYS A 167 10.24 6.91 3.26
CA LYS A 167 11.35 5.99 3.14
C LYS A 167 11.69 5.38 4.49
N ILE A 168 12.18 4.14 4.45
CA ILE A 168 12.79 3.48 5.59
C ILE A 168 14.18 3.01 5.17
N ASP A 169 15.18 3.35 5.98
CA ASP A 169 16.58 2.99 5.71
C ASP A 169 16.99 3.41 4.31
N GLY A 170 16.57 4.60 3.90
CA GLY A 170 16.88 5.14 2.61
C GLY A 170 16.15 4.54 1.44
N VAL A 171 15.18 3.64 1.65
CA VAL A 171 14.47 2.99 0.55
C VAL A 171 13.02 3.49 0.53
N GLU A 172 12.58 3.98 -0.63
CA GLU A 172 11.20 4.43 -0.75
C GLU A 172 10.23 3.30 -0.49
N LYS A 173 9.21 3.57 0.34
CA LYS A 173 8.18 2.61 0.64
C LYS A 173 6.79 3.07 0.26
N GLN A 174 6.57 4.38 0.11
CA GLN A 174 5.28 4.92 -0.24
C GLN A 174 5.48 6.31 -0.82
N GLU A 175 4.66 6.67 -1.81
CA GLU A 175 4.62 8.03 -2.32
C GLU A 175 3.22 8.31 -2.88
N GLY A 176 2.91 9.60 -3.06
CA GLY A 176 1.65 9.96 -3.65
C GLY A 176 1.34 11.43 -3.47
N LYS A 177 0.15 11.80 -3.90
CA LYS A 177 -0.47 13.11 -3.68
C LYS A 177 -1.50 13.00 -2.56
N PHE A 178 -1.71 14.10 -1.84
CA PHE A 178 -2.62 14.12 -0.69
C PHE A 178 -4.08 14.19 -1.18
N ASP A 179 -4.54 13.09 -1.80
CA ASP A 179 -5.82 13.04 -2.50
C ASP A 179 -6.87 12.19 -1.74
N GLU A 180 -7.86 11.65 -2.47
CA GLU A 180 -8.95 10.94 -1.79
C GLU A 180 -8.54 9.55 -1.27
N ASP A 181 -7.29 9.13 -1.45
CA ASP A 181 -6.76 8.03 -0.64
C ASP A 181 -6.86 8.30 0.85
N TRP A 182 -6.90 9.57 1.26
CA TRP A 182 -6.85 10.00 2.65
C TRP A 182 -8.28 10.21 3.16
N ASP A 183 -8.54 9.77 4.40
CA ASP A 183 -9.78 10.02 5.11
C ASP A 183 -9.54 10.96 6.28
N MET A 184 -10.62 11.60 6.76
CA MET A 184 -10.51 12.56 7.85
C MET A 184 -10.78 11.88 9.19
N LEU A 185 -9.87 12.11 10.14
CA LEU A 185 -9.98 11.59 11.50
C LEU A 185 -10.56 12.67 12.40
N ALA A 186 -11.51 12.29 13.26
CA ALA A 186 -12.04 13.24 14.23
C ALA A 186 -11.02 13.48 15.35
N PRO A 187 -11.13 14.61 16.04
CA PRO A 187 -10.19 14.91 17.13
C PRO A 187 -10.22 13.82 18.18
N LYS A 188 -9.04 13.34 18.56
CA LYS A 188 -8.84 12.35 19.61
C LYS A 188 -9.03 10.93 19.09
N GLU A 189 -9.45 10.75 17.84
CA GLU A 189 -9.69 9.42 17.28
C GLU A 189 -8.38 8.76 16.88
N ILE A 190 -8.31 7.44 17.05
CA ILE A 190 -7.09 6.69 16.84
C ILE A 190 -6.85 6.47 15.36
N ASP A 191 -5.59 6.64 14.94
CA ASP A 191 -5.15 6.29 13.60
C ASP A 191 -4.78 4.82 13.63
N ASP A 192 -5.69 3.95 13.17
CA ASP A 192 -5.48 2.50 13.31
C ASP A 192 -4.66 1.90 12.16
N GLY A 193 -4.18 2.72 11.23
CA GLY A 193 -3.34 2.25 10.14
C GLY A 193 -4.08 1.79 8.89
N SER A 194 -5.39 1.54 8.98
CA SER A 194 -6.16 1.10 7.83
C SER A 194 -6.51 2.24 6.88
N GLY A 195 -6.39 3.49 7.32
CA GLY A 195 -6.82 4.60 6.49
C GLY A 195 -8.32 4.81 6.37
N ILE A 196 -9.14 4.02 7.07
CA ILE A 196 -10.60 4.06 6.91
C ILE A 196 -11.19 4.89 8.04
N ALA A 197 -11.81 6.01 7.69
CA ALA A 197 -12.48 6.87 8.67
C ALA A 197 -13.63 7.62 8.01
N ASN A 198 -13.59 8.95 8.02
CA ASN A 198 -14.65 9.77 7.46
C ASN A 198 -14.23 10.33 6.10
N PRO A 199 -14.85 9.90 4.98
CA PRO A 199 -14.45 10.41 3.66
C PRO A 199 -15.06 11.75 3.27
N ASP A 200 -15.88 12.35 4.13
CA ASP A 200 -16.70 13.53 3.78
C ASP A 200 -15.98 14.83 4.17
N TYR A 201 -15.10 15.29 3.28
CA TYR A 201 -14.33 16.52 3.49
C TYR A 201 -13.78 17.00 2.14
N VAL A 202 -13.65 18.32 1.97
CA VAL A 202 -13.26 18.88 0.67
C VAL A 202 -11.74 18.85 0.54
N TYR A 203 -11.28 18.62 -0.68
CA TYR A 203 -9.87 18.58 -0.98
C TYR A 203 -9.23 19.93 -0.67
N ASP A 204 -8.08 19.91 -0.02
CA ASP A 204 -7.32 21.14 0.19
C ASP A 204 -6.02 21.10 -0.62
N PRO A 205 -5.85 21.95 -1.64
CA PRO A 205 -4.58 21.94 -2.39
C PRO A 205 -3.40 22.37 -1.56
N GLU A 206 -3.62 22.96 -0.38
CA GLU A 206 -2.54 23.40 0.50
C GLU A 206 -2.45 22.56 1.77
N LEU A 207 -2.88 21.29 1.69
CA LEU A 207 -2.79 20.39 2.84
C LEU A 207 -1.35 20.29 3.35
N TYR A 208 -0.36 20.32 2.44
CA TYR A 208 1.05 20.14 2.81
C TYR A 208 1.60 21.29 3.66
N LYS A 209 1.00 22.48 3.59
CA LYS A 209 1.60 23.73 4.05
C LYS A 209 1.14 24.12 5.44
N TYR A 210 2.09 24.55 6.30
CA TYR A 210 1.74 25.09 7.61
C TYR A 210 2.43 26.44 7.81
N ASP A 211 1.67 27.38 8.39
CA ASP A 211 2.21 28.72 8.60
C ASP A 211 3.27 28.75 9.67
N SER A 212 3.26 27.81 10.62
CA SER A 212 4.23 27.85 11.70
C SER A 212 4.63 26.44 12.13
N PHE A 213 5.94 26.21 12.14
CA PHE A 213 6.57 25.12 12.88
C PHE A 213 7.42 25.76 13.96
N ALA A 214 7.19 25.39 15.21
CA ALA A 214 7.97 25.98 16.30
C ALA A 214 8.43 24.99 17.36
N TYR A 215 7.75 23.87 17.56
CA TYR A 215 8.09 22.90 18.60
C TYR A 215 8.13 21.50 18.00
N ILE A 216 8.84 20.60 18.67
CA ILE A 216 8.73 19.16 18.40
C ILE A 216 8.43 18.47 19.71
N GLY A 217 7.62 17.41 19.66
CA GLY A 217 7.19 16.71 20.86
C GLY A 217 7.18 15.20 20.69
N ILE A 218 7.46 14.51 21.79
CA ILE A 218 7.33 13.05 21.89
C ILE A 218 6.28 12.77 22.98
N ASP A 219 5.28 11.92 22.64
CA ASP A 219 4.23 11.54 23.63
C ASP A 219 3.78 10.11 23.33
N VAL A 220 4.45 9.12 23.92
CA VAL A 220 4.18 7.73 23.60
C VAL A 220 3.86 6.94 24.87
N TRP A 221 2.92 5.99 24.75
CA TRP A 221 2.74 4.94 25.74
C TRP A 221 3.77 3.83 25.54
N GLN A 222 4.22 3.23 26.63
CA GLN A 222 5.14 2.10 26.56
C GLN A 222 4.67 1.02 27.52
N VAL A 223 4.59 -0.22 27.03
CA VAL A 223 4.47 -1.37 27.93
C VAL A 223 5.89 -1.79 28.30
N LYS A 224 6.58 -2.50 27.42
CA LYS A 224 8.02 -2.69 27.57
C LYS A 224 8.74 -1.42 27.13
N ALA A 225 9.35 -0.70 28.07
CA ALA A 225 10.08 0.50 27.70
C ALA A 225 11.45 0.13 27.12
N GLY A 226 12.15 1.14 26.60
CA GLY A 226 13.52 0.95 26.14
C GLY A 226 13.74 1.49 24.75
N THR A 227 12.70 2.10 24.18
CA THR A 227 12.78 2.75 22.89
C THR A 227 13.82 3.86 22.92
N ILE A 228 14.62 3.97 21.84
CA ILE A 228 15.67 4.99 21.76
C ILE A 228 15.45 5.86 20.52
N TYR A 229 15.34 7.17 20.74
CA TYR A 229 15.40 8.18 19.69
C TYR A 229 16.86 8.61 19.53
N ASP A 230 17.48 8.25 18.40
CA ASP A 230 18.92 8.45 18.25
C ASP A 230 19.27 9.82 17.69
N ASP A 231 18.52 10.31 16.71
CA ASP A 231 18.96 11.48 15.96
C ASP A 231 17.74 12.02 15.23
N ILE A 232 17.59 13.34 15.21
CA ILE A 232 16.42 13.99 14.61
C ILE A 232 16.89 15.14 13.75
N LEU A 233 16.44 15.16 12.50
CA LEU A 233 16.82 16.21 11.57
C LEU A 233 15.57 16.82 10.94
N ILE A 234 15.54 18.15 10.88
CA ILE A 234 14.47 18.90 10.23
C ILE A 234 15.14 19.95 9.35
N THR A 235 14.89 19.89 8.05
CA THR A 235 15.63 20.70 7.08
C THR A 235 14.76 20.93 5.85
N ASP A 236 15.08 21.98 5.09
CA ASP A 236 14.42 22.20 3.81
C ASP A 236 15.28 21.78 2.62
N ASP A 237 16.41 21.09 2.87
CA ASP A 237 17.44 20.83 1.85
C ASP A 237 17.62 19.33 1.65
N ILE A 238 17.21 18.82 0.49
CA ILE A 238 17.27 17.40 0.22
C ILE A 238 18.73 16.89 0.22
N GLU A 239 19.65 17.69 -0.32
CA GLU A 239 21.05 17.25 -0.38
C GLU A 239 21.65 17.14 1.02
N GLU A 240 21.38 18.09 1.91
CA GLU A 240 21.82 17.99 3.28
C GLU A 240 21.21 16.76 3.97
N ALA A 241 19.92 16.50 3.74
CA ALA A 241 19.29 15.30 4.29
C ALA A 241 19.98 14.03 3.81
N GLU A 242 20.32 13.96 2.52
CA GLU A 242 20.99 12.77 1.98
C GLU A 242 22.42 12.62 2.52
N LYS A 243 23.13 13.73 2.70
CA LYS A 243 24.47 13.67 3.26
C LYS A 243 24.44 13.13 4.70
N GLU A 244 23.48 13.57 5.51
CA GLU A 244 23.40 13.09 6.88
C GLU A 244 22.86 11.66 6.94
N ALA A 245 21.95 11.30 6.04
CA ALA A 245 21.50 9.92 5.95
C ALA A 245 22.68 8.96 5.75
N LYS A 246 23.60 9.31 4.85
CA LYS A 246 24.74 8.43 4.60
C LYS A 246 25.53 8.15 5.87
N VAL A 247 25.81 9.19 6.65
CA VAL A 247 26.52 8.98 7.91
C VAL A 247 25.73 8.03 8.81
N ILE A 248 24.43 8.30 8.98
CA ILE A 248 23.63 7.48 9.88
C ILE A 248 23.50 6.04 9.38
N LEU A 249 23.28 5.84 8.08
CA LEU A 249 23.13 4.47 7.61
C LEU A 249 24.42 3.67 7.77
N GLU A 250 25.58 4.32 7.57
CA GLU A 250 26.84 3.64 7.81
C GLU A 250 27.02 3.31 9.29
N ARG A 251 26.55 4.19 10.17
CA ARG A 251 26.67 3.89 11.60
C ARG A 251 25.69 2.81 12.02
N ASN A 252 24.51 2.76 11.40
CA ASN A 252 23.57 1.67 11.65
C ASN A 252 24.11 0.32 11.18
N ALA A 253 24.92 0.29 10.11
CA ALA A 253 25.51 -0.97 9.65
C ALA A 253 26.50 -1.53 10.68
N ALA A 254 27.37 -0.68 11.21
CA ALA A 254 28.25 -1.10 12.29
C ALA A 254 27.45 -1.54 13.52
N GLU A 255 26.36 -0.83 13.82
CA GLU A 255 25.50 -1.24 14.94
C GLU A 255 25.00 -2.66 14.74
N LYS A 256 24.50 -2.97 13.54
CA LYS A 256 23.90 -4.28 13.28
C LYS A 256 24.94 -5.38 13.40
N LYS A 257 26.18 -5.09 12.96
CA LYS A 257 27.24 -6.08 13.05
C LYS A 257 27.59 -6.39 14.50
N MET A 258 27.62 -5.35 15.36
CA MET A 258 27.83 -5.58 16.78
C MET A 258 26.68 -6.40 17.38
N ARG A 259 25.45 -6.13 16.95
N ARG A 259 25.45 -6.12 16.93
CA ARG A 259 24.32 -6.89 17.47
CA ARG A 259 24.29 -6.86 17.43
C ARG A 259 24.39 -8.35 17.03
C ARG A 259 24.33 -8.32 17.01
N ASP A 260 24.74 -8.60 15.77
CA ASP A 260 24.81 -9.98 15.31
C ASP A 260 25.95 -10.75 16.01
N GLU A 261 27.06 -10.06 16.29
CA GLU A 261 28.15 -10.70 17.02
C GLU A 261 27.78 -11.01 18.46
N ILE A 262 26.96 -10.18 19.10
CA ILE A 262 26.54 -10.46 20.48
C ILE A 262 25.58 -11.64 20.51
N LYS A 263 24.57 -11.62 19.64
CA LYS A 263 23.60 -12.72 19.60
C LYS A 263 24.27 -14.04 19.25
N GLU A 264 25.27 -14.00 18.36
CA GLU A 264 25.97 -15.22 17.96
C GLU A 264 26.70 -15.88 19.13
N ALA A 265 27.01 -15.11 20.17
CA ALA A 265 27.73 -15.65 21.32
C ALA A 265 26.83 -15.95 22.51
N GLU A 266 25.62 -15.39 22.55
CA GLU A 266 24.79 -15.51 23.74
C GLU A 266 23.81 -16.67 23.69
N ASN A 267 22.55 -16.39 24.06
CA ASN A 267 21.49 -17.40 24.12
C ASN A 267 20.96 -17.74 22.72
N SER B 2 -1.45 3.54 -42.69
CA SER B 2 -0.76 4.82 -42.56
C SER B 2 -0.73 5.27 -41.10
N ALA B 3 0.49 5.58 -40.63
CA ALA B 3 0.68 5.93 -39.23
C ALA B 3 0.15 7.34 -38.96
N LYS B 4 -0.68 7.45 -37.93
CA LYS B 4 -1.27 8.73 -37.51
C LYS B 4 -0.39 9.30 -36.40
N VAL B 5 0.13 10.52 -36.61
CA VAL B 5 0.93 11.23 -35.63
C VAL B 5 0.07 12.34 -35.06
N TYR B 6 -0.30 12.22 -33.78
CA TYR B 6 -1.13 13.21 -33.11
C TYR B 6 -0.34 14.42 -32.61
N PHE B 7 0.96 14.27 -32.38
CA PHE B 7 1.78 15.34 -31.81
C PHE B 7 3.26 15.00 -31.97
N HIS B 8 4.06 15.95 -32.50
CA HIS B 8 5.52 15.82 -32.51
C HIS B 8 6.14 17.19 -32.25
N GLU B 9 6.65 17.38 -31.04
CA GLU B 9 7.27 18.63 -30.61
C GLU B 9 8.79 18.45 -30.62
N THR B 10 9.51 19.28 -31.39
CA THR B 10 10.97 19.30 -31.38
C THR B 10 11.56 20.49 -30.63
N PHE B 11 10.71 21.41 -30.18
CA PHE B 11 11.15 22.60 -29.42
C PHE B 11 12.17 23.44 -30.18
N GLU B 12 11.96 23.64 -31.48
CA GLU B 12 12.61 24.74 -32.18
C GLU B 12 12.22 26.08 -31.57
N ASN B 13 11.00 26.14 -31.02
CA ASN B 13 10.48 27.28 -30.30
C ASN B 13 9.39 26.75 -29.37
N ARG B 14 8.82 27.66 -28.57
CA ARG B 14 7.81 27.32 -27.57
C ARG B 14 6.49 28.04 -27.85
N ASP B 15 6.23 28.37 -29.12
CA ASP B 15 5.05 29.18 -29.45
C ASP B 15 3.73 28.55 -28.99
N LYS B 16 3.57 27.23 -29.13
CA LYS B 16 2.31 26.57 -28.74
C LYS B 16 2.10 26.51 -27.22
N TRP B 17 3.15 26.68 -26.42
CA TRP B 17 3.08 26.41 -25.00
C TRP B 17 2.78 27.71 -24.25
N ILE B 18 1.68 27.73 -23.52
CA ILE B 18 1.18 28.92 -22.85
C ILE B 18 1.30 28.70 -21.35
N ASP B 19 2.04 29.59 -20.69
CA ASP B 19 2.15 29.52 -19.23
C ASP B 19 0.77 29.74 -18.58
N SER B 20 0.52 29.00 -17.50
CA SER B 20 -0.75 29.12 -16.79
C SER B 20 -0.93 30.51 -16.18
N THR B 21 -2.15 31.05 -16.27
CA THR B 21 -2.51 32.26 -15.54
C THR B 21 -3.58 32.01 -14.49
N SER B 22 -3.90 30.75 -14.19
CA SER B 22 -4.96 30.39 -13.26
C SER B 22 -4.46 29.65 -12.03
N SER B 23 -3.18 29.30 -11.98
CA SER B 23 -2.72 28.39 -10.93
C SER B 23 -2.46 29.08 -9.60
N GLY B 24 -2.19 30.38 -9.60
CA GLY B 24 -1.83 31.05 -8.37
C GLY B 24 -0.49 30.65 -7.78
N LYS B 25 0.31 29.85 -8.48
CA LYS B 25 1.59 29.38 -7.95
C LYS B 25 2.69 30.34 -8.38
N ALA B 26 3.82 30.28 -7.67
CA ALA B 26 4.98 31.11 -8.00
C ALA B 26 5.75 30.47 -9.15
N LEU B 27 5.63 31.05 -10.35
CA LEU B 27 6.16 30.45 -11.57
C LEU B 27 7.55 30.97 -11.92
N GLY B 28 8.31 30.11 -12.60
CA GLY B 28 9.52 30.52 -13.26
C GLY B 28 9.36 30.45 -14.77
N PRO B 29 10.28 31.07 -15.51
CA PRO B 29 10.21 31.02 -16.98
C PRO B 29 10.95 29.83 -17.60
N PHE B 30 10.34 29.29 -18.66
CA PHE B 30 11.02 28.34 -19.53
C PHE B 30 11.96 29.08 -20.49
N LYS B 31 13.01 28.40 -20.94
CA LYS B 31 13.89 28.91 -21.98
C LYS B 31 14.12 27.84 -23.04
N ILE B 32 14.29 28.29 -24.28
CA ILE B 32 14.70 27.43 -25.39
C ILE B 32 16.22 27.48 -25.48
N VAL B 33 16.89 26.31 -25.36
CA VAL B 33 18.34 26.27 -25.24
C VAL B 33 18.92 25.07 -25.99
N SER B 34 20.24 25.16 -26.25
CA SER B 34 21.01 24.06 -26.84
C SER B 34 21.37 23.01 -25.80
N GLY B 35 21.71 23.44 -24.59
CA GLY B 35 22.23 22.59 -23.53
C GLY B 35 23.75 22.64 -23.48
N LYS B 36 24.31 22.16 -22.36
CA LYS B 36 25.77 22.13 -22.23
C LYS B 36 26.41 21.09 -23.16
N TRP B 37 25.72 19.98 -23.41
CA TRP B 37 26.16 18.95 -24.35
C TRP B 37 24.96 18.49 -25.16
N TYR B 38 25.21 18.08 -26.40
CA TYR B 38 24.12 17.79 -27.33
C TYR B 38 24.66 16.90 -28.43
N GLY B 39 23.75 16.20 -29.10
CA GLY B 39 24.15 15.35 -30.21
C GLY B 39 23.94 16.03 -31.54
N ASP B 40 23.17 17.10 -31.55
CA ASP B 40 22.86 17.83 -32.78
C ASP B 40 22.94 19.31 -32.45
N ALA B 41 23.96 19.98 -32.99
CA ALA B 41 24.22 21.40 -32.69
C ALA B 41 23.08 22.32 -33.12
N ASN B 42 22.20 21.89 -34.02
CA ASN B 42 21.07 22.70 -34.45
C ASN B 42 19.79 22.42 -33.68
N ASN B 43 19.76 21.33 -32.91
CA ASN B 43 18.58 20.94 -32.16
C ASN B 43 18.49 21.70 -30.83
N LYS B 44 17.25 21.86 -30.32
CA LYS B 44 17.05 22.56 -29.06
C LYS B 44 15.99 21.86 -28.21
N GLY B 45 15.91 22.30 -26.93
CA GLY B 45 14.94 21.78 -25.99
C GLY B 45 14.43 22.88 -25.06
N LEU B 46 13.38 22.54 -24.31
CA LEU B 46 12.72 23.45 -23.37
C LEU B 46 13.26 23.25 -21.96
N GLN B 47 13.83 24.31 -21.37
CA GLN B 47 14.51 24.22 -20.08
C GLN B 47 13.82 25.06 -19.01
N THR B 48 13.69 24.49 -17.80
CA THR B 48 13.29 25.27 -16.62
C THR B 48 14.52 26.05 -16.14
N SER B 49 14.41 27.37 -16.03
CA SER B 49 15.59 28.22 -15.91
C SER B 49 15.82 28.84 -14.53
N GLU B 50 14.94 28.65 -13.55
CA GLU B 50 15.08 29.33 -12.27
C GLU B 50 14.77 28.39 -11.12
N ASP B 51 15.67 28.36 -10.13
CA ASP B 51 15.54 27.45 -8.98
C ASP B 51 14.32 27.78 -8.11
N ASN B 52 13.79 26.74 -7.48
CA ASN B 52 12.74 26.85 -6.46
C ASN B 52 11.49 27.53 -7.00
N LYS B 53 10.99 27.01 -8.12
CA LYS B 53 9.83 27.57 -8.79
C LYS B 53 8.98 26.44 -9.36
N PHE B 54 7.70 26.75 -9.58
CA PHE B 54 6.79 25.87 -10.31
C PHE B 54 6.82 26.20 -11.80
N TYR B 55 6.57 25.19 -12.63
CA TYR B 55 6.58 25.33 -14.09
C TYR B 55 5.31 24.69 -14.63
N ILE B 56 4.41 25.51 -15.16
CA ILE B 56 3.07 25.08 -15.51
C ILE B 56 2.74 25.69 -16.85
N ALA B 57 2.74 24.86 -17.90
CA ALA B 57 2.42 25.31 -19.26
C ALA B 57 1.72 24.19 -20.00
N ALA B 58 0.86 24.56 -20.95
CA ALA B 58 0.10 23.58 -21.70
C ALA B 58 0.07 23.93 -23.18
N ALA B 59 -0.04 22.88 -24.00
CA ALA B 59 -0.18 23.04 -25.44
C ALA B 59 -1.29 22.14 -25.95
N LYS B 60 -1.95 22.60 -27.00
CA LYS B 60 -2.94 21.80 -27.70
C LYS B 60 -2.26 20.77 -28.59
N LEU B 61 -2.84 19.57 -28.66
CA LEU B 61 -2.40 18.55 -29.59
C LEU B 61 -2.76 18.93 -31.03
N ASP B 62 -2.08 18.29 -31.99
CA ASP B 62 -2.38 18.56 -33.40
C ASP B 62 -3.84 18.29 -33.73
N GLU B 63 -4.49 17.37 -33.01
CA GLU B 63 -5.86 16.97 -33.27
C GLU B 63 -6.40 16.21 -32.07
N GLU B 64 -7.67 16.40 -31.76
CA GLU B 64 -8.33 15.63 -30.70
C GLU B 64 -8.61 14.20 -31.18
N PHE B 65 -8.44 13.22 -30.30
CA PHE B 65 -8.66 11.83 -30.68
C PHE B 65 -9.06 10.97 -29.48
N SER B 66 -9.58 9.80 -29.80
CA SER B 66 -9.85 8.74 -28.83
C SER B 66 -9.04 7.51 -29.19
N ASN B 67 -8.59 6.76 -28.18
CA ASN B 67 -7.80 5.56 -28.44
C ASN B 67 -8.64 4.29 -28.40
N LYS B 68 -9.96 4.39 -28.49
CA LYS B 68 -10.80 3.19 -28.52
C LYS B 68 -10.45 2.33 -29.72
N ASP B 69 -10.22 1.03 -29.45
CA ASP B 69 -9.93 0.01 -30.49
C ASP B 69 -8.68 0.34 -31.31
N LYS B 70 -7.72 1.04 -30.71
CA LYS B 70 -6.49 1.45 -31.38
C LYS B 70 -5.34 1.36 -30.40
N ASN B 71 -4.11 1.33 -30.93
CA ASN B 71 -2.91 1.47 -30.13
C ASN B 71 -2.62 2.95 -29.83
N LEU B 72 -2.01 3.22 -28.67
CA LEU B 72 -1.55 4.56 -28.33
C LEU B 72 -0.14 4.47 -27.81
N ILE B 73 0.78 5.26 -28.37
CA ILE B 73 2.16 5.31 -27.91
C ILE B 73 2.52 6.74 -27.52
N VAL B 74 3.05 6.90 -26.31
CA VAL B 74 3.50 8.20 -25.81
C VAL B 74 5.01 8.10 -25.55
N GLN B 75 5.80 8.90 -26.23
CA GLN B 75 7.25 8.72 -26.25
C GLN B 75 7.98 10.06 -26.26
N TYR B 76 8.81 10.33 -25.24
CA TYR B 76 9.48 11.64 -25.18
C TYR B 76 10.85 11.54 -24.51
N ASN B 77 11.73 12.48 -24.87
CA ASN B 77 13.14 12.50 -24.50
C ASN B 77 13.37 13.56 -23.44
N LEU B 78 13.91 13.15 -22.28
CA LEU B 78 13.99 14.02 -21.12
C LEU B 78 15.40 14.03 -20.52
N LYS B 79 15.90 15.21 -20.16
CA LYS B 79 17.27 15.34 -19.66
C LYS B 79 17.35 16.23 -18.41
N PHE B 80 17.93 15.68 -17.34
CA PHE B 80 18.26 16.45 -16.12
C PHE B 80 19.74 16.88 -16.16
N GLU B 81 20.04 17.89 -16.99
N GLU B 81 20.03 17.88 -16.99
CA GLU B 81 21.43 18.24 -17.22
CA GLU B 81 21.43 18.25 -17.22
C GLU B 81 22.08 18.88 -15.99
C GLU B 81 22.08 18.91 -16.02
N GLN B 82 21.28 19.38 -15.05
CA GLN B 82 21.79 20.14 -13.92
C GLN B 82 22.35 19.28 -12.79
N GLY B 83 22.10 17.97 -12.80
CA GLY B 83 22.39 17.15 -11.63
C GLY B 83 21.25 17.33 -10.63
N ILE B 84 20.09 16.77 -10.96
CA ILE B 84 18.85 17.11 -10.26
C ILE B 84 18.89 16.58 -8.83
N ASP B 85 18.49 17.42 -7.88
CA ASP B 85 18.27 16.96 -6.51
C ASP B 85 16.81 16.64 -6.23
N CYS B 86 15.89 17.54 -6.54
CA CYS B 86 14.47 17.27 -6.38
C CYS B 86 13.70 17.98 -7.47
N GLY B 87 12.88 17.24 -8.21
CA GLY B 87 12.01 17.84 -9.20
C GLY B 87 11.37 16.85 -10.14
N GLY B 88 10.19 17.20 -10.69
CA GLY B 88 9.55 16.35 -11.67
C GLY B 88 10.08 16.55 -13.07
N GLY B 89 9.81 15.55 -13.90
CA GLY B 89 10.11 15.65 -15.32
C GLY B 89 9.05 14.97 -16.16
N TYR B 90 7.82 14.88 -15.61
CA TYR B 90 6.73 14.13 -16.21
C TYR B 90 5.83 15.03 -17.05
N ILE B 91 4.91 14.40 -17.78
CA ILE B 91 3.91 15.09 -18.60
C ILE B 91 2.52 14.57 -18.25
N LYS B 92 1.50 15.36 -18.62
CA LYS B 92 0.10 15.02 -18.46
C LYS B 92 -0.63 15.14 -19.80
N LEU B 93 -1.60 14.23 -20.04
CA LEU B 93 -2.48 14.28 -21.19
C LEU B 93 -3.92 14.49 -20.73
N LEU B 94 -4.60 15.53 -21.27
CA LEU B 94 -5.89 16.02 -20.78
C LEU B 94 -7.01 15.86 -21.80
N PRO B 95 -8.23 15.57 -21.35
CA PRO B 95 -9.37 15.60 -22.27
C PRO B 95 -9.79 17.04 -22.55
N LYS B 96 -10.55 17.19 -23.63
CA LYS B 96 -10.97 18.53 -24.05
C LYS B 96 -11.77 19.24 -22.96
N LYS B 97 -12.64 18.52 -22.26
CA LYS B 97 -13.49 19.14 -21.25
C LYS B 97 -12.72 19.55 -19.98
N SER B 98 -11.42 19.26 -19.88
CA SER B 98 -10.70 19.55 -18.65
C SER B 98 -10.53 21.06 -18.43
N ILE B 99 -10.24 21.79 -19.49
CA ILE B 99 -9.89 23.20 -19.43
C ILE B 99 -10.48 23.91 -20.64
N GLU B 100 -10.83 25.19 -20.46
CA GLU B 100 -11.42 25.97 -21.54
C GLU B 100 -10.35 26.38 -22.57
N SER B 101 -9.15 26.69 -22.11
CA SER B 101 -8.01 26.96 -23.00
C SER B 101 -6.73 26.74 -22.22
N GLU B 102 -5.61 26.77 -22.94
CA GLU B 102 -4.32 26.37 -22.39
C GLU B 102 -4.02 27.10 -21.07
N GLU B 103 -4.27 28.41 -21.02
CA GLU B 103 -3.88 29.18 -19.85
C GLU B 103 -4.67 28.81 -18.60
N LYS B 104 -5.77 28.06 -18.73
CA LYS B 104 -6.52 27.62 -17.57
C LYS B 104 -5.93 26.38 -16.90
N PHE B 105 -4.92 25.75 -17.51
CA PHE B 105 -4.31 24.55 -16.96
C PHE B 105 -3.73 24.82 -15.58
N THR B 106 -4.08 23.96 -14.60
CA THR B 106 -3.46 24.01 -13.28
C THR B 106 -3.13 22.60 -12.79
N PRO B 107 -2.39 22.48 -11.70
CA PRO B 107 -2.05 21.14 -11.18
C PRO B 107 -3.27 20.34 -10.75
N GLU B 108 -4.42 20.97 -10.55
CA GLU B 108 -5.66 20.29 -10.14
C GLU B 108 -6.56 19.95 -11.33
N SER B 109 -6.20 20.36 -12.54
CA SER B 109 -7.02 20.04 -13.71
C SER B 109 -7.09 18.52 -13.92
N GLU B 110 -8.26 18.06 -14.34
CA GLU B 110 -8.49 16.65 -14.65
C GLU B 110 -7.67 16.20 -15.85
N TYR B 111 -7.07 15.01 -15.77
CA TYR B 111 -6.30 14.46 -16.88
C TYR B 111 -6.63 12.99 -17.10
N ASN B 112 -6.27 12.49 -18.30
CA ASN B 112 -6.40 11.07 -18.61
C ASN B 112 -5.23 10.27 -18.05
N ILE B 113 -4.01 10.70 -18.36
CA ILE B 113 -2.79 9.96 -18.08
C ILE B 113 -1.71 10.94 -17.63
N MET B 114 -0.91 10.53 -16.64
CA MET B 114 0.32 11.21 -16.29
C MET B 114 1.47 10.22 -16.38
N PHE B 115 2.56 10.61 -17.06
CA PHE B 115 3.67 9.70 -17.39
C PHE B 115 5.04 10.38 -17.32
N GLY B 116 6.02 9.73 -16.68
CA GLY B 116 7.39 10.20 -16.75
C GLY B 116 8.17 10.25 -15.45
N PRO B 117 9.46 10.58 -15.53
CA PRO B 117 10.32 10.50 -14.34
C PRO B 117 10.03 11.58 -13.30
N ASP B 118 10.35 11.24 -12.06
CA ASP B 118 10.14 12.11 -10.90
C ASP B 118 11.26 11.75 -9.94
N VAL B 119 12.08 12.74 -9.54
CA VAL B 119 13.25 12.50 -8.69
C VAL B 119 13.17 13.38 -7.45
N CYS B 120 13.43 12.82 -6.28
N CYS B 120 13.45 12.78 -6.30
CA CYS B 120 13.62 13.67 -5.12
CA CYS B 120 13.51 13.50 -5.03
C CYS B 120 14.48 12.89 -4.13
C CYS B 120 14.52 12.76 -4.15
N GLY B 121 15.73 13.31 -4.03
CA GLY B 121 16.74 12.58 -3.25
C GLY B 121 17.11 11.30 -3.99
N GLY B 122 17.07 10.18 -3.26
CA GLY B 122 17.26 8.88 -3.85
C GLY B 122 16.00 8.25 -4.40
N SER B 123 14.85 8.89 -4.25
N SER B 123 14.85 8.89 -4.25
CA SER B 123 13.60 8.38 -4.81
CA SER B 123 13.60 8.39 -4.81
C SER B 123 13.55 8.70 -6.30
C SER B 123 13.55 8.70 -6.30
N LYS B 124 13.41 7.66 -7.13
CA LYS B 124 13.45 7.80 -8.58
C LYS B 124 12.39 6.92 -9.21
N ARG B 125 11.28 7.51 -9.67
CA ARG B 125 10.16 6.74 -10.17
C ARG B 125 9.75 7.22 -11.54
N THR B 126 9.29 6.28 -12.36
CA THR B 126 8.55 6.54 -13.58
C THR B 126 7.06 6.41 -13.25
N HIS B 127 6.35 7.54 -13.22
CA HIS B 127 4.91 7.52 -12.98
C HIS B 127 4.16 6.93 -14.17
N VAL B 128 3.14 6.14 -13.88
CA VAL B 128 2.12 5.78 -14.85
C VAL B 128 0.76 5.91 -14.16
N ILE B 129 0.11 7.06 -14.30
CA ILE B 129 -1.12 7.32 -13.54
C ILE B 129 -2.30 7.26 -14.51
N MET B 130 -3.25 6.38 -14.21
CA MET B 130 -4.43 6.17 -15.04
C MET B 130 -5.66 6.73 -14.30
N ASN B 131 -6.31 7.73 -14.89
CA ASN B 131 -7.55 8.28 -14.36
C ASN B 131 -8.71 7.31 -14.64
N TYR B 132 -9.50 6.98 -13.62
CA TYR B 132 -10.67 6.12 -13.81
C TYR B 132 -11.81 6.61 -12.94
N LYS B 133 -12.96 6.88 -13.54
CA LYS B 133 -14.17 7.34 -12.86
C LYS B 133 -13.86 8.40 -11.79
N GLY B 134 -13.17 9.45 -12.23
CA GLY B 134 -12.83 10.58 -11.38
C GLY B 134 -11.69 10.40 -10.39
N LYS B 135 -10.98 9.27 -10.39
CA LYS B 135 -9.84 9.06 -9.50
C LYS B 135 -8.55 8.88 -10.31
N ASN B 136 -7.46 9.48 -9.84
CA ASN B 136 -6.14 9.26 -10.43
C ASN B 136 -5.48 8.06 -9.75
N ASN B 137 -5.22 7.00 -10.49
CA ASN B 137 -4.74 5.75 -9.93
C ASN B 137 -3.26 5.56 -10.31
N LEU B 138 -2.39 5.47 -9.30
CA LEU B 138 -0.97 5.24 -9.51
C LEU B 138 -0.70 3.75 -9.70
N ILE B 139 0.18 3.42 -10.66
CA ILE B 139 0.48 2.02 -10.93
C ILE B 139 1.06 1.38 -9.66
N ARG B 140 0.62 0.14 -9.37
CA ARG B 140 1.11 -0.53 -8.17
C ARG B 140 2.48 -1.19 -8.39
N LYS B 141 2.74 -1.73 -9.57
CA LYS B 141 4.08 -2.15 -9.99
C LYS B 141 5.00 -0.95 -10.19
N GLU B 142 6.04 -0.81 -9.37
CA GLU B 142 6.84 0.42 -9.36
C GLU B 142 8.06 0.32 -10.28
N ILE B 143 8.20 1.31 -11.17
CA ILE B 143 9.22 1.39 -12.21
C ILE B 143 10.23 2.48 -11.84
N LYS B 144 11.52 2.16 -11.89
CA LYS B 144 12.55 3.16 -11.66
C LYS B 144 12.69 4.12 -12.86
N CYS B 145 13.29 5.29 -12.62
CA CYS B 145 13.63 6.23 -13.68
C CYS B 145 15.12 6.60 -13.60
N GLU B 146 15.61 7.23 -14.66
CA GLU B 146 17.00 7.68 -14.72
C GLU B 146 17.18 9.00 -13.96
N SER B 147 18.39 9.22 -13.46
CA SER B 147 18.68 10.46 -12.75
C SER B 147 20.00 11.12 -13.13
N ASP B 148 20.75 10.59 -14.10
CA ASP B 148 22.03 11.19 -14.47
C ASP B 148 21.78 12.43 -15.33
N ASP B 149 22.84 12.94 -15.96
CA ASP B 149 22.77 14.26 -16.59
C ASP B 149 22.71 14.21 -18.12
N ILE B 150 22.30 13.08 -18.72
CA ILE B 150 22.14 12.97 -20.16
C ILE B 150 20.69 12.59 -20.47
N SER B 151 20.32 12.72 -21.74
CA SER B 151 18.95 12.47 -22.20
C SER B 151 18.59 10.99 -22.14
N HIS B 152 17.31 10.71 -21.86
CA HIS B 152 16.77 9.35 -21.88
C HIS B 152 15.37 9.37 -22.50
N LEU B 153 15.07 8.31 -23.25
CA LEU B 153 13.81 8.19 -24.00
C LEU B 153 12.80 7.35 -23.22
N TYR B 154 11.66 7.95 -22.88
CA TYR B 154 10.60 7.27 -22.14
C TYR B 154 9.44 6.92 -23.07
N THR B 155 9.02 5.65 -23.08
CA THR B 155 8.01 5.13 -23.99
C THR B 155 6.89 4.43 -23.22
N LEU B 156 5.64 4.84 -23.46
CA LEU B 156 4.48 4.15 -22.90
C LEU B 156 3.61 3.64 -24.05
N ILE B 157 3.38 2.33 -24.08
CA ILE B 157 2.51 1.69 -25.08
C ILE B 157 1.23 1.22 -24.39
N ILE B 158 0.08 1.61 -24.94
CA ILE B 158 -1.24 1.19 -24.46
C ILE B 158 -1.98 0.49 -25.59
N ARG B 159 -2.38 -0.79 -25.36
CA ARG B 159 -3.06 -1.61 -26.37
C ARG B 159 -4.54 -1.87 -26.03
N PRO B 160 -5.39 -2.04 -27.03
CA PRO B 160 -6.84 -2.19 -26.79
C PRO B 160 -7.24 -3.54 -26.21
N ASN B 161 -6.32 -4.46 -25.97
CA ASN B 161 -6.61 -5.66 -25.21
C ASN B 161 -6.40 -5.46 -23.72
N ASN B 162 -6.33 -4.20 -23.28
CA ASN B 162 -6.25 -3.84 -21.86
C ASN B 162 -4.87 -4.15 -21.27
N THR B 163 -3.81 -3.94 -22.05
CA THR B 163 -2.41 -4.14 -21.65
C THR B 163 -1.56 -2.91 -21.99
N TYR B 164 -0.34 -2.87 -21.45
CA TYR B 164 0.57 -1.74 -21.59
C TYR B 164 2.02 -2.25 -21.59
N VAL B 165 2.92 -1.41 -22.14
CA VAL B 165 4.37 -1.61 -22.05
C VAL B 165 5.02 -0.28 -21.69
N VAL B 166 6.00 -0.31 -20.78
CA VAL B 166 6.86 0.85 -20.47
C VAL B 166 8.29 0.53 -20.88
N LYS B 167 8.91 1.40 -21.69
CA LYS B 167 10.30 1.24 -22.11
C LYS B 167 11.14 2.48 -21.74
N ILE B 168 12.42 2.27 -21.48
CA ILE B 168 13.39 3.34 -21.32
C ILE B 168 14.56 3.10 -22.27
N ASP B 169 14.89 4.11 -23.09
CA ASP B 169 15.93 3.98 -24.12
C ASP B 169 15.72 2.73 -24.97
N GLY B 170 14.46 2.50 -25.36
CA GLY B 170 14.12 1.38 -26.22
C GLY B 170 14.07 0.03 -25.55
N VAL B 171 14.34 -0.06 -24.25
CA VAL B 171 14.42 -1.34 -23.55
C VAL B 171 13.21 -1.48 -22.64
N GLU B 172 12.46 -2.56 -22.80
CA GLU B 172 11.27 -2.77 -22.01
C GLU B 172 11.61 -2.96 -20.53
N LYS B 173 10.84 -2.28 -19.67
CA LYS B 173 11.03 -2.35 -18.22
C LYS B 173 9.86 -2.98 -17.47
N GLN B 174 8.64 -2.87 -17.97
CA GLN B 174 7.45 -3.36 -17.28
C GLN B 174 6.36 -3.58 -18.33
N GLU B 175 5.51 -4.59 -18.09
CA GLU B 175 4.40 -4.89 -18.99
C GLU B 175 3.33 -5.67 -18.23
N GLY B 176 2.07 -5.54 -18.64
CA GLY B 176 1.03 -6.28 -17.94
C GLY B 176 -0.36 -5.81 -18.35
N LYS B 177 -1.33 -6.16 -17.49
CA LYS B 177 -2.74 -5.86 -17.70
C LYS B 177 -3.21 -4.75 -16.75
N PHE B 178 -4.10 -3.89 -17.23
CA PHE B 178 -4.58 -2.79 -16.40
C PHE B 178 -5.39 -3.29 -15.21
N ASP B 179 -6.12 -4.41 -15.35
CA ASP B 179 -6.96 -4.85 -14.26
C ASP B 179 -6.15 -5.55 -13.16
N GLU B 180 -4.89 -5.88 -13.42
CA GLU B 180 -4.02 -6.54 -12.46
C GLU B 180 -3.01 -5.61 -11.82
N ASP B 181 -2.45 -4.66 -12.57
CA ASP B 181 -1.36 -3.82 -12.09
C ASP B 181 -1.81 -2.49 -11.48
N TRP B 182 -3.10 -2.14 -11.57
CA TRP B 182 -3.71 -1.02 -10.88
C TRP B 182 -4.87 -1.50 -10.02
N ASP B 183 -5.28 -0.69 -9.04
CA ASP B 183 -6.44 -0.96 -8.19
C ASP B 183 -7.68 -0.21 -8.62
N MET B 184 -7.96 -0.15 -9.91
CA MET B 184 -9.00 0.73 -10.42
C MET B 184 -10.41 0.19 -10.19
N LEU B 185 -10.59 -1.14 -10.15
CA LEU B 185 -11.92 -1.74 -10.10
C LEU B 185 -12.32 -2.30 -8.75
N ALA B 186 -11.38 -2.51 -7.83
CA ALA B 186 -11.72 -3.02 -6.52
C ALA B 186 -12.48 -2.00 -5.68
N PRO B 187 -13.57 -2.39 -5.01
CA PRO B 187 -14.29 -1.45 -4.16
C PRO B 187 -13.48 -1.12 -2.92
N LYS B 188 -13.73 0.07 -2.37
CA LYS B 188 -12.84 0.65 -1.38
C LYS B 188 -12.73 -0.22 -0.13
N GLU B 189 -13.85 -0.63 0.44
CA GLU B 189 -13.83 -1.25 1.76
C GLU B 189 -13.73 -2.78 1.66
N ILE B 190 -12.79 -3.36 2.41
CA ILE B 190 -12.67 -4.81 2.58
C ILE B 190 -11.98 -5.10 3.90
N ASP B 191 -12.33 -4.35 4.95
CA ASP B 191 -12.01 -4.71 6.33
C ASP B 191 -13.29 -5.06 7.08
N ASP B 192 -14.24 -5.64 6.35
CA ASP B 192 -15.58 -5.93 6.85
C ASP B 192 -15.70 -7.32 7.48
N GLY B 193 -14.78 -8.23 7.17
CA GLY B 193 -15.08 -9.63 7.36
C GLY B 193 -16.01 -10.15 6.28
N SER B 194 -16.14 -9.41 5.19
CA SER B 194 -16.94 -9.79 4.04
C SER B 194 -16.03 -10.30 2.92
N GLY B 195 -16.65 -10.92 1.93
CA GLY B 195 -15.88 -11.52 0.85
C GLY B 195 -15.47 -10.51 -0.22
N ILE B 196 -14.37 -10.83 -0.89
CA ILE B 196 -13.92 -10.02 -2.01
C ILE B 196 -14.88 -10.17 -3.18
N ALA B 197 -15.24 -11.41 -3.50
CA ALA B 197 -16.15 -11.64 -4.62
C ALA B 197 -17.55 -11.19 -4.23
N ASN B 198 -18.09 -10.24 -4.99
CA ASN B 198 -19.35 -9.57 -4.64
C ASN B 198 -19.87 -8.91 -5.90
N PRO B 199 -21.17 -8.63 -5.96
CA PRO B 199 -21.73 -7.94 -7.13
C PRO B 199 -21.13 -6.56 -7.42
N ASP B 200 -20.49 -5.90 -6.46
CA ASP B 200 -19.94 -4.57 -6.73
C ASP B 200 -18.60 -4.61 -7.46
N TYR B 201 -18.08 -5.79 -7.76
CA TYR B 201 -16.72 -5.93 -8.27
C TYR B 201 -16.84 -6.47 -9.69
N VAL B 202 -16.92 -5.55 -10.66
CA VAL B 202 -17.20 -5.87 -12.06
C VAL B 202 -15.96 -5.70 -12.93
N TYR B 203 -15.76 -6.61 -13.87
CA TYR B 203 -14.69 -6.43 -14.84
C TYR B 203 -15.06 -5.39 -15.89
N ASP B 204 -14.09 -4.56 -16.27
CA ASP B 204 -14.25 -3.53 -17.30
C ASP B 204 -13.17 -3.70 -18.37
N PRO B 205 -13.53 -4.12 -19.58
CA PRO B 205 -12.51 -4.27 -20.63
C PRO B 205 -11.97 -2.96 -21.17
N GLU B 206 -12.54 -1.82 -20.79
CA GLU B 206 -12.14 -0.52 -21.35
C GLU B 206 -11.35 0.36 -20.38
N LEU B 207 -10.60 -0.24 -19.45
CA LEU B 207 -9.72 0.55 -18.61
C LEU B 207 -8.71 1.34 -19.44
N TYR B 208 -8.25 0.76 -20.56
CA TYR B 208 -7.26 1.38 -21.44
C TYR B 208 -7.78 2.64 -22.14
N LYS B 209 -9.09 2.82 -22.23
CA LYS B 209 -9.71 3.75 -23.18
C LYS B 209 -10.10 5.10 -22.57
N TYR B 210 -9.83 6.17 -23.32
CA TYR B 210 -10.29 7.52 -22.99
C TYR B 210 -11.02 8.10 -24.19
N ASP B 211 -12.12 8.81 -23.91
CA ASP B 211 -12.93 9.37 -24.99
C ASP B 211 -12.28 10.57 -25.66
N SER B 212 -11.37 11.28 -24.98
CA SER B 212 -10.83 12.52 -25.52
C SER B 212 -9.41 12.76 -25.03
N PHE B 213 -8.49 12.94 -25.98
CA PHE B 213 -7.18 13.54 -25.74
C PHE B 213 -7.14 14.85 -26.51
N ALA B 214 -6.86 15.96 -25.82
CA ALA B 214 -6.85 17.26 -26.48
C ALA B 214 -5.69 18.18 -26.08
N TYR B 215 -5.12 18.03 -24.88
CA TYR B 215 -4.00 18.89 -24.47
C TYR B 215 -2.89 18.03 -23.86
N ILE B 216 -1.69 18.59 -23.88
CA ILE B 216 -0.55 18.07 -23.13
C ILE B 216 -0.06 19.18 -22.20
N GLY B 217 0.30 18.82 -20.98
CA GLY B 217 0.74 19.81 -20.01
C GLY B 217 2.01 19.41 -19.32
N ILE B 218 2.81 20.42 -18.96
CA ILE B 218 3.94 20.27 -18.07
C ILE B 218 3.60 21.04 -16.80
N ASP B 219 3.64 20.34 -15.66
CA ASP B 219 3.25 20.89 -14.35
C ASP B 219 4.18 20.27 -13.33
N VAL B 220 5.33 20.92 -13.10
CA VAL B 220 6.37 20.36 -12.24
C VAL B 220 6.90 21.39 -11.25
N TRP B 221 7.27 20.90 -10.07
CA TRP B 221 8.09 21.63 -9.11
C TRP B 221 9.58 21.35 -9.35
N GLN B 222 10.43 22.37 -9.16
CA GLN B 222 11.89 22.24 -9.29
C GLN B 222 12.59 22.90 -8.12
N VAL B 223 13.52 22.18 -7.48
CA VAL B 223 14.46 22.86 -6.59
C VAL B 223 15.61 23.34 -7.49
N LYS B 224 16.57 22.48 -7.81
CA LYS B 224 17.57 22.83 -8.83
C LYS B 224 16.93 22.72 -10.21
N ALA B 225 16.78 23.85 -10.89
CA ALA B 225 16.22 23.88 -12.23
C ALA B 225 17.29 23.52 -13.28
N GLY B 226 16.84 23.35 -14.52
CA GLY B 226 17.73 23.02 -15.63
C GLY B 226 17.27 21.83 -16.45
N THR B 227 16.17 21.20 -16.00
CA THR B 227 15.54 20.08 -16.71
C THR B 227 15.20 20.47 -18.14
N ILE B 228 15.48 19.57 -19.08
CA ILE B 228 15.24 19.84 -20.50
C ILE B 228 14.31 18.78 -21.09
N TYR B 229 13.16 19.22 -21.61
CA TYR B 229 12.29 18.40 -22.45
C TYR B 229 12.74 18.59 -23.91
N ASP B 230 13.26 17.52 -24.51
CA ASP B 230 13.87 17.63 -25.84
C ASP B 230 12.89 17.35 -26.97
N ASP B 231 12.08 16.30 -26.84
CA ASP B 231 11.30 15.82 -27.98
C ASP B 231 10.10 15.06 -27.41
N ILE B 232 8.93 15.26 -28.01
CA ILE B 232 7.69 14.62 -27.54
C ILE B 232 6.93 14.06 -28.75
N LEU B 233 6.59 12.77 -28.70
CA LEU B 233 5.88 12.09 -29.79
C LEU B 233 4.63 11.39 -29.27
N ILE B 234 3.53 11.52 -29.99
CA ILE B 234 2.28 10.85 -29.66
C ILE B 234 1.69 10.28 -30.94
N THR B 235 1.54 8.96 -31.01
CA THR B 235 1.18 8.30 -32.26
C THR B 235 0.36 7.05 -31.97
N ASP B 236 -0.34 6.56 -33.01
CA ASP B 236 -1.10 5.32 -32.94
C ASP B 236 -0.39 4.13 -33.59
N ASP B 237 0.87 4.29 -33.99
CA ASP B 237 1.57 3.30 -34.81
C ASP B 237 2.85 2.83 -34.13
N ILE B 238 2.89 1.55 -33.78
CA ILE B 238 4.07 0.98 -33.11
C ILE B 238 5.32 1.17 -33.97
N GLU B 239 5.24 0.88 -35.27
CA GLU B 239 6.44 0.93 -36.12
C GLU B 239 6.96 2.36 -36.31
N GLU B 240 6.07 3.35 -36.46
CA GLU B 240 6.54 4.73 -36.56
C GLU B 240 7.27 5.17 -35.28
N ALA B 241 6.76 4.77 -34.11
CA ALA B 241 7.43 5.10 -32.86
C ALA B 241 8.79 4.43 -32.77
N GLU B 242 8.89 3.18 -33.21
CA GLU B 242 10.19 2.50 -33.23
C GLU B 242 11.16 3.18 -34.18
N LYS B 243 10.66 3.67 -35.33
CA LYS B 243 11.52 4.34 -36.30
C LYS B 243 12.07 5.66 -35.76
N GLU B 244 11.22 6.46 -35.12
CA GLU B 244 11.70 7.74 -34.56
C GLU B 244 12.52 7.51 -33.29
N ALA B 245 12.25 6.44 -32.56
CA ALA B 245 13.10 6.11 -31.43
C ALA B 245 14.56 5.92 -31.87
N LYS B 246 14.76 5.26 -33.01
CA LYS B 246 16.12 5.00 -33.49
C LYS B 246 16.91 6.29 -33.75
N VAL B 247 16.29 7.27 -34.41
CA VAL B 247 16.95 8.56 -34.61
C VAL B 247 17.36 9.17 -33.27
N ILE B 248 16.44 9.18 -32.31
CA ILE B 248 16.72 9.87 -31.06
C ILE B 248 17.80 9.14 -30.27
N LEU B 249 17.80 7.80 -30.28
CA LEU B 249 18.82 7.04 -29.55
C LEU B 249 20.21 7.26 -30.16
N GLU B 250 20.30 7.43 -31.48
CA GLU B 250 21.58 7.75 -32.12
C GLU B 250 22.06 9.13 -31.66
N ARG B 251 21.16 10.11 -31.65
CA ARG B 251 21.50 11.45 -31.20
C ARG B 251 21.92 11.45 -29.72
N ASN B 252 21.19 10.71 -28.86
CA ASN B 252 21.55 10.63 -27.44
C ASN B 252 22.93 10.03 -27.24
N ALA B 253 23.30 9.00 -28.02
CA ALA B 253 24.63 8.42 -27.89
C ALA B 253 25.70 9.44 -28.26
N ALA B 254 25.47 10.23 -29.31
CA ALA B 254 26.44 11.27 -29.65
C ALA B 254 26.48 12.35 -28.58
N GLU B 255 25.32 12.70 -28.01
CA GLU B 255 25.30 13.61 -26.87
C GLU B 255 26.20 13.13 -25.74
N LYS B 256 26.09 11.84 -25.40
CA LYS B 256 26.90 11.29 -24.33
C LYS B 256 28.39 11.44 -24.61
N LYS B 257 28.82 11.22 -25.86
CA LYS B 257 30.23 11.41 -26.20
C LYS B 257 30.65 12.85 -26.02
N MET B 258 29.79 13.81 -26.38
CA MET B 258 30.16 15.22 -26.21
C MET B 258 30.37 15.55 -24.74
N ARG B 259 29.49 15.05 -23.87
CA ARG B 259 29.64 15.30 -22.43
C ARG B 259 30.95 14.74 -21.90
N ASP B 260 31.32 13.54 -22.33
CA ASP B 260 32.59 12.96 -21.90
C ASP B 260 33.76 13.85 -22.30
N GLU B 261 33.68 14.46 -23.49
CA GLU B 261 34.74 15.37 -23.92
C GLU B 261 34.75 16.65 -23.09
N ILE B 262 33.57 17.22 -22.81
CA ILE B 262 33.55 18.44 -22.01
C ILE B 262 34.06 18.17 -20.60
N LYS B 263 33.63 17.06 -20.00
CA LYS B 263 34.15 16.72 -18.67
C LYS B 263 35.65 16.47 -18.72
N GLU B 264 36.16 15.88 -19.80
CA GLU B 264 37.59 15.65 -19.90
C GLU B 264 38.37 16.96 -19.94
N ALA B 265 37.77 18.02 -20.50
CA ALA B 265 38.46 19.30 -20.63
C ALA B 265 38.37 20.15 -19.38
N GLU B 266 37.41 19.87 -18.49
CA GLU B 266 37.27 20.61 -17.24
C GLU B 266 38.08 20.00 -16.11
N ASN B 267 38.56 18.76 -16.27
CA ASN B 267 39.34 18.08 -15.24
C ASN B 267 40.79 18.52 -15.26
N ALA C 3 -10.51 -40.17 18.85
CA ALA C 3 -10.59 -39.04 17.91
C ALA C 3 -12.04 -38.66 17.63
N LYS C 4 -12.35 -37.39 17.83
CA LYS C 4 -13.70 -36.87 17.68
C LYS C 4 -13.89 -36.22 16.31
N VAL C 5 -14.86 -36.71 15.56
CA VAL C 5 -15.26 -36.13 14.28
C VAL C 5 -16.55 -35.36 14.54
N TYR C 6 -16.48 -34.03 14.45
CA TYR C 6 -17.62 -33.17 14.70
C TYR C 6 -18.54 -33.02 13.50
N PHE C 7 -18.02 -33.28 12.29
CA PHE C 7 -18.75 -33.13 11.05
C PHE C 7 -17.96 -33.80 9.94
N HIS C 8 -18.59 -34.67 9.17
CA HIS C 8 -17.98 -35.22 7.95
C HIS C 8 -19.08 -35.31 6.90
N GLU C 9 -19.04 -34.40 5.95
CA GLU C 9 -20.02 -34.33 4.88
C GLU C 9 -19.36 -34.86 3.61
N THR C 10 -19.94 -35.90 3.01
CA THR C 10 -19.50 -36.41 1.72
C THR C 10 -20.44 -35.98 0.61
N PHE C 11 -21.55 -35.32 0.96
CA PHE C 11 -22.54 -34.84 0.00
C PHE C 11 -23.10 -35.97 -0.89
N GLU C 12 -23.41 -37.11 -0.26
CA GLU C 12 -24.32 -38.08 -0.88
C GLU C 12 -25.67 -37.45 -1.14
N ASN C 13 -26.06 -36.49 -0.30
CA ASN C 13 -27.26 -35.68 -0.41
C ASN C 13 -27.00 -34.41 0.40
N ARG C 14 -27.95 -33.47 0.36
CA ARG C 14 -27.82 -32.21 1.10
C ARG C 14 -28.98 -32.04 2.09
N ASP C 15 -29.53 -33.15 2.59
CA ASP C 15 -30.67 -33.09 3.49
C ASP C 15 -30.40 -32.23 4.72
N LYS C 16 -29.14 -32.20 5.20
N LYS C 16 -29.15 -32.19 5.20
CA LYS C 16 -28.78 -31.43 6.38
CA LYS C 16 -28.82 -31.41 6.39
C LYS C 16 -28.70 -29.93 6.11
C LYS C 16 -28.71 -29.92 6.11
N TRP C 17 -28.62 -29.51 4.86
CA TRP C 17 -28.32 -28.12 4.50
C TRP C 17 -29.60 -27.41 4.07
N ILE C 18 -29.95 -26.33 4.78
CA ILE C 18 -31.20 -25.61 4.60
C ILE C 18 -30.89 -24.21 4.07
N ASP C 19 -31.48 -23.87 2.91
CA ASP C 19 -31.30 -22.55 2.31
C ASP C 19 -31.85 -21.46 3.23
N SER C 20 -31.18 -20.29 3.24
CA SER C 20 -31.63 -19.17 4.06
C SER C 20 -32.96 -18.60 3.59
N THR C 21 -33.84 -18.25 4.55
CA THR C 21 -35.04 -17.45 4.25
C THR C 21 -34.98 -16.06 4.85
N SER C 22 -33.81 -15.62 5.34
CA SER C 22 -33.63 -14.33 6.01
C SER C 22 -32.58 -13.43 5.38
N SER C 23 -31.90 -13.87 4.33
CA SER C 23 -30.67 -13.23 3.86
C SER C 23 -30.91 -11.95 3.06
N GLY C 24 -32.11 -11.75 2.53
CA GLY C 24 -32.43 -10.63 1.66
C GLY C 24 -31.82 -10.68 0.26
N LYS C 25 -31.17 -11.78 -0.11
CA LYS C 25 -30.47 -11.94 -1.39
C LYS C 25 -31.23 -12.80 -2.40
N ALA C 26 -30.84 -12.65 -3.66
CA ALA C 26 -31.32 -13.49 -4.75
C ALA C 26 -30.52 -14.81 -4.75
N LEU C 27 -31.15 -15.90 -4.35
CA LEU C 27 -30.49 -17.18 -4.16
C LEU C 27 -30.61 -18.08 -5.39
N GLY C 28 -29.59 -18.90 -5.61
CA GLY C 28 -29.65 -19.97 -6.58
C GLY C 28 -29.76 -21.32 -5.89
N PRO C 29 -30.08 -22.37 -6.66
CA PRO C 29 -30.14 -23.72 -6.08
C PRO C 29 -28.83 -24.47 -6.16
N PHE C 30 -28.53 -25.21 -5.09
CA PHE C 30 -27.47 -26.20 -5.12
C PHE C 30 -27.96 -27.46 -5.80
N LYS C 31 -27.03 -28.21 -6.40
CA LYS C 31 -27.32 -29.56 -6.87
C LYS C 31 -26.21 -30.51 -6.44
N ILE C 32 -26.59 -31.77 -6.24
CA ILE C 32 -25.68 -32.87 -5.96
C ILE C 32 -25.29 -33.49 -7.30
N VAL C 33 -23.99 -33.49 -7.63
CA VAL C 33 -23.53 -33.85 -8.97
C VAL C 33 -22.21 -34.61 -8.92
N SER C 34 -21.90 -35.28 -10.04
CA SER C 34 -20.63 -35.97 -10.22
C SER C 34 -19.51 -35.01 -10.62
N GLY C 35 -19.81 -34.04 -11.49
CA GLY C 35 -18.80 -33.15 -12.04
C GLY C 35 -18.33 -33.57 -13.42
N LYS C 36 -17.60 -32.67 -14.08
CA LYS C 36 -17.04 -32.98 -15.39
C LYS C 36 -15.90 -33.99 -15.32
N TRP C 37 -15.08 -33.94 -14.28
CA TRP C 37 -14.03 -34.93 -14.07
C TRP C 37 -14.04 -35.32 -12.60
N TYR C 38 -13.69 -36.57 -12.34
CA TYR C 38 -13.87 -37.14 -11.00
C TYR C 38 -12.91 -38.32 -10.83
N GLY C 39 -12.60 -38.62 -9.58
CA GLY C 39 -11.76 -39.76 -9.28
C GLY C 39 -12.53 -40.98 -8.82
N ASP C 40 -13.79 -40.80 -8.46
CA ASP C 40 -14.62 -41.90 -7.96
C ASP C 40 -16.02 -41.76 -8.55
N ALA C 41 -16.40 -42.70 -9.41
CA ALA C 41 -17.71 -42.66 -10.06
C ALA C 41 -18.88 -42.76 -9.08
N ASN C 42 -18.64 -43.14 -7.83
CA ASN C 42 -19.67 -43.23 -6.82
C ASN C 42 -19.77 -42.00 -5.94
N ASN C 43 -18.80 -41.09 -6.01
CA ASN C 43 -18.71 -39.92 -5.14
C ASN C 43 -19.41 -38.72 -5.78
N LYS C 44 -19.92 -37.81 -4.95
CA LYS C 44 -20.63 -36.63 -5.45
C LYS C 44 -20.26 -35.39 -4.65
N GLY C 45 -20.68 -34.23 -5.17
CA GLY C 45 -20.40 -32.97 -4.51
C GLY C 45 -21.56 -32.00 -4.66
N LEU C 46 -21.50 -30.94 -3.86
CA LEU C 46 -22.52 -29.88 -3.84
C LEU C 46 -22.08 -28.75 -4.76
N GLN C 47 -22.86 -28.50 -5.80
CA GLN C 47 -22.49 -27.55 -6.86
C GLN C 47 -23.44 -26.37 -6.89
N THR C 48 -22.89 -25.16 -7.05
CA THR C 48 -23.69 -23.98 -7.35
C THR C 48 -24.09 -24.06 -8.83
N SER C 49 -25.39 -24.01 -9.12
CA SER C 49 -25.89 -24.41 -10.44
C SER C 49 -26.32 -23.27 -11.34
N GLU C 50 -26.27 -22.01 -10.88
CA GLU C 50 -26.80 -20.89 -11.66
C GLU C 50 -25.92 -19.65 -11.53
N ASP C 51 -25.58 -19.03 -12.66
CA ASP C 51 -24.72 -17.84 -12.69
C ASP C 51 -25.37 -16.62 -12.02
N ASN C 52 -24.53 -15.73 -11.48
CA ASN C 52 -24.95 -14.42 -10.99
C ASN C 52 -26.00 -14.53 -9.87
N LYS C 53 -25.67 -15.34 -8.86
CA LYS C 53 -26.56 -15.63 -7.73
C LYS C 53 -25.69 -15.79 -6.49
N PHE C 54 -26.32 -15.58 -5.32
CA PHE C 54 -25.75 -15.95 -4.04
C PHE C 54 -26.18 -17.38 -3.69
N TYR C 55 -25.34 -18.07 -2.93
CA TYR C 55 -25.61 -19.42 -2.49
C TYR C 55 -25.41 -19.43 -0.98
N ILE C 56 -26.51 -19.55 -0.23
CA ILE C 56 -26.52 -19.33 1.22
C ILE C 56 -27.33 -20.44 1.89
N ALA C 57 -26.63 -21.36 2.55
CA ALA C 57 -27.26 -22.47 3.26
C ALA C 57 -26.41 -22.80 4.49
N ALA C 58 -27.07 -23.35 5.51
CA ALA C 58 -26.39 -23.70 6.74
C ALA C 58 -26.84 -25.08 7.18
N ALA C 59 -25.95 -25.77 7.89
CA ALA C 59 -26.26 -27.06 8.47
C ALA C 59 -25.81 -27.08 9.92
N LYS C 60 -26.53 -27.83 10.74
CA LYS C 60 -26.14 -28.02 12.12
C LYS C 60 -25.01 -29.04 12.17
N LEU C 61 -24.02 -28.78 13.05
CA LEU C 61 -22.97 -29.76 13.27
C LEU C 61 -23.54 -30.97 14.02
N ASP C 62 -22.81 -32.09 13.94
CA ASP C 62 -23.27 -33.31 14.61
C ASP C 62 -23.52 -33.07 16.10
N GLU C 63 -22.79 -32.13 16.71
CA GLU C 63 -22.86 -31.84 18.13
C GLU C 63 -22.17 -30.52 18.38
N GLU C 64 -22.70 -29.72 19.31
CA GLU C 64 -22.06 -28.46 19.67
C GLU C 64 -20.79 -28.73 20.47
N PHE C 65 -19.75 -27.93 20.21
CA PHE C 65 -18.48 -28.14 20.91
C PHE C 65 -17.72 -26.82 21.03
N SER C 66 -16.73 -26.83 21.92
CA SER C 66 -15.76 -25.77 22.06
C SER C 66 -14.37 -26.34 21.84
N ASN C 67 -13.47 -25.53 21.25
CA ASN C 67 -12.12 -25.99 20.99
C ASN C 67 -11.14 -25.58 22.10
N LYS C 68 -11.67 -25.17 23.26
CA LYS C 68 -10.81 -24.79 24.36
C LYS C 68 -9.93 -25.96 24.74
N ASP C 69 -8.62 -25.69 24.84
CA ASP C 69 -7.60 -26.67 25.25
C ASP C 69 -7.55 -27.87 24.32
N LYS C 70 -7.88 -27.67 23.04
CA LYS C 70 -7.91 -28.76 22.07
C LYS C 70 -7.38 -28.26 20.74
N ASN C 71 -7.00 -29.22 19.89
CA ASN C 71 -6.70 -28.94 18.50
C ASN C 71 -8.00 -28.84 17.72
N LEU C 72 -7.99 -28.04 16.66
CA LEU C 72 -9.11 -27.99 15.74
C LEU C 72 -8.56 -28.01 14.32
N ILE C 73 -9.08 -28.94 13.49
CA ILE C 73 -8.70 -29.02 12.09
C ILE C 73 -9.96 -28.86 11.25
N VAL C 74 -9.93 -27.89 10.34
CA VAL C 74 -11.00 -27.63 9.39
C VAL C 74 -10.41 -27.88 8.02
N GLN C 75 -10.98 -28.84 7.29
CA GLN C 75 -10.36 -29.40 6.09
C GLN C 75 -11.43 -29.74 5.05
N TYR C 76 -11.35 -29.14 3.87
CA TYR C 76 -12.39 -29.41 2.88
C TYR C 76 -11.84 -29.26 1.47
N ASN C 77 -12.46 -30.01 0.56
CA ASN C 77 -11.98 -30.17 -0.81
C ASN C 77 -12.87 -29.33 -1.71
N LEU C 78 -12.26 -28.41 -2.45
CA LEU C 78 -12.99 -27.41 -3.22
C LEU C 78 -12.49 -27.34 -4.66
N LYS C 79 -13.42 -27.27 -5.61
CA LYS C 79 -13.09 -27.29 -7.03
C LYS C 79 -13.84 -26.18 -7.78
N PHE C 80 -13.07 -25.34 -8.48
CA PHE C 80 -13.63 -24.37 -9.43
C PHE C 80 -13.59 -24.94 -10.84
N GLU C 81 -14.44 -25.94 -11.09
CA GLU C 81 -14.38 -26.64 -12.37
C GLU C 81 -14.72 -25.74 -13.56
N GLN C 82 -15.35 -24.59 -13.32
CA GLN C 82 -15.93 -23.78 -14.40
C GLN C 82 -14.93 -22.83 -15.07
N GLY C 83 -13.74 -22.65 -14.51
CA GLY C 83 -12.85 -21.61 -14.98
C GLY C 83 -13.23 -20.27 -14.38
N ILE C 84 -12.98 -20.12 -13.07
CA ILE C 84 -13.60 -19.08 -12.24
C ILE C 84 -13.05 -17.70 -12.58
N ASP C 85 -13.96 -16.74 -12.76
CA ASP C 85 -13.63 -15.33 -12.90
C ASP C 85 -13.80 -14.56 -11.59
N CYS C 86 -15.00 -14.62 -11.00
N CYS C 86 -14.97 -14.63 -10.97
CA CYS C 86 -15.27 -13.95 -9.73
CA CYS C 86 -15.15 -13.96 -9.68
C CYS C 86 -16.26 -14.81 -8.95
C CYS C 86 -16.23 -14.69 -8.90
N GLY C 87 -15.84 -15.31 -7.79
CA GLY C 87 -16.75 -16.03 -6.93
C GLY C 87 -16.07 -16.54 -5.68
N GLY C 88 -16.83 -16.64 -4.58
CA GLY C 88 -16.28 -17.18 -3.36
C GLY C 88 -16.31 -18.71 -3.34
N GLY C 89 -15.48 -19.29 -2.48
CA GLY C 89 -15.46 -20.73 -2.29
C GLY C 89 -15.18 -21.11 -0.85
N TYR C 90 -15.44 -20.16 0.06
CA TYR C 90 -15.11 -20.28 1.47
C TYR C 90 -16.28 -20.83 2.30
N ILE C 91 -15.99 -21.12 3.57
CA ILE C 91 -17.00 -21.55 4.54
C ILE C 91 -16.92 -20.66 5.78
N LYS C 92 -18.01 -20.68 6.55
CA LYS C 92 -18.10 -20.01 7.84
C LYS C 92 -18.52 -21.03 8.91
N LEU C 93 -17.97 -20.88 10.11
CA LEU C 93 -18.37 -21.65 11.28
C LEU C 93 -18.98 -20.70 12.32
N LEU C 94 -20.21 -21.01 12.78
CA LEU C 94 -21.05 -20.10 13.57
C LEU C 94 -21.29 -20.61 14.98
N PRO C 95 -21.34 -19.72 15.99
CA PRO C 95 -21.72 -20.14 17.34
C PRO C 95 -23.22 -20.41 17.44
N LYS C 96 -23.61 -21.11 18.52
CA LYS C 96 -25.01 -21.44 18.74
C LYS C 96 -25.90 -20.21 18.78
N LYS C 97 -25.46 -19.16 19.48
CA LYS C 97 -26.29 -17.98 19.66
C LYS C 97 -26.38 -17.12 18.41
N SER C 98 -25.70 -17.47 17.32
CA SER C 98 -25.68 -16.60 16.15
C SER C 98 -27.04 -16.57 15.47
N ILE C 99 -27.73 -17.71 15.39
CA ILE C 99 -28.97 -17.83 14.65
C ILE C 99 -29.89 -18.78 15.40
N GLU C 100 -31.19 -18.54 15.29
CA GLU C 100 -32.17 -19.39 15.97
C GLU C 100 -32.30 -20.75 15.31
N SER C 101 -32.22 -20.81 13.98
CA SER C 101 -32.21 -22.08 13.25
C SER C 101 -31.57 -21.86 11.88
N GLU C 102 -31.34 -22.97 11.17
CA GLU C 102 -30.55 -22.94 9.95
C GLU C 102 -31.04 -21.89 8.96
N GLU C 103 -32.36 -21.80 8.77
N GLU C 103 -32.36 -21.80 8.76
CA GLU C 103 -32.93 -20.91 7.76
CA GLU C 103 -32.91 -20.90 7.75
C GLU C 103 -32.77 -19.42 8.10
C GLU C 103 -32.75 -19.42 8.08
N LYS C 104 -32.26 -19.09 9.28
CA LYS C 104 -32.07 -17.70 9.69
C LYS C 104 -30.67 -17.16 9.37
N PHE C 105 -29.78 -18.00 8.84
CA PHE C 105 -28.42 -17.61 8.49
C PHE C 105 -28.42 -16.48 7.44
N THR C 106 -27.63 -15.41 7.70
CA THR C 106 -27.48 -14.34 6.71
C THR C 106 -26.01 -13.92 6.59
N PRO C 107 -25.65 -13.11 5.59
CA PRO C 107 -24.24 -12.67 5.47
C PRO C 107 -23.80 -11.80 6.64
N GLU C 108 -24.74 -11.28 7.45
CA GLU C 108 -24.38 -10.48 8.62
C GLU C 108 -24.35 -11.29 9.90
N SER C 109 -24.73 -12.58 9.86
CA SER C 109 -24.75 -13.38 11.06
C SER C 109 -23.36 -13.44 11.67
N GLU C 110 -23.31 -13.45 12.99
CA GLU C 110 -22.03 -13.59 13.69
C GLU C 110 -21.41 -14.95 13.40
N TYR C 111 -20.09 -14.95 13.14
CA TYR C 111 -19.38 -16.20 12.95
C TYR C 111 -18.09 -16.17 13.78
N ASN C 112 -17.56 -17.37 14.05
CA ASN C 112 -16.27 -17.48 14.71
C ASN C 112 -15.13 -17.32 13.69
N ILE C 113 -15.18 -18.09 12.61
CA ILE C 113 -14.09 -18.23 11.65
C ILE C 113 -14.67 -18.23 10.23
N MET C 114 -14.00 -17.54 9.31
CA MET C 114 -14.25 -17.67 7.89
C MET C 114 -12.96 -18.10 7.19
N PHE C 115 -13.05 -19.18 6.39
CA PHE C 115 -11.86 -19.84 5.84
C PHE C 115 -12.11 -20.31 4.41
N GLY C 116 -11.17 -20.02 3.52
CA GLY C 116 -11.22 -20.61 2.21
C GLY C 116 -10.95 -19.66 1.06
N PRO C 117 -10.91 -20.22 -0.14
CA PRO C 117 -10.53 -19.44 -1.33
C PRO C 117 -11.59 -18.44 -1.74
N ASP C 118 -11.13 -17.37 -2.37
CA ASP C 118 -11.96 -16.25 -2.83
C ASP C 118 -11.24 -15.65 -4.02
N VAL C 119 -11.88 -15.68 -5.19
CA VAL C 119 -11.26 -15.24 -6.44
C VAL C 119 -12.16 -14.21 -7.10
N CYS C 120 -11.60 -13.03 -7.39
N CYS C 120 -11.61 -13.05 -7.40
CA CYS C 120 -12.33 -12.02 -8.17
CA CYS C 120 -12.33 -12.14 -8.28
C CYS C 120 -11.33 -11.05 -8.81
C CYS C 120 -11.38 -11.08 -8.82
N GLY C 121 -11.45 -10.85 -10.12
CA GLY C 121 -10.52 -9.96 -10.79
C GLY C 121 -9.13 -10.56 -10.76
N GLY C 122 -8.16 -9.75 -10.36
CA GLY C 122 -6.80 -10.24 -10.17
C GLY C 122 -6.50 -10.79 -8.78
N SER C 123 -7.43 -10.61 -7.85
CA SER C 123 -7.22 -11.01 -6.47
C SER C 123 -7.54 -12.49 -6.29
N LYS C 124 -6.59 -13.24 -5.73
CA LYS C 124 -6.76 -14.65 -5.46
C LYS C 124 -6.28 -14.91 -4.04
N ARG C 125 -7.22 -15.12 -3.12
CA ARG C 125 -6.91 -15.09 -1.71
C ARG C 125 -7.51 -16.27 -0.98
N THR C 126 -6.72 -16.84 -0.06
CA THR C 126 -7.21 -17.79 0.95
C THR C 126 -7.49 -17.03 2.23
N HIS C 127 -8.78 -16.87 2.56
CA HIS C 127 -9.20 -16.18 3.78
C HIS C 127 -8.86 -16.97 5.03
N VAL C 128 -8.41 -16.25 6.07
CA VAL C 128 -8.44 -16.74 7.44
C VAL C 128 -8.89 -15.59 8.35
N ILE C 129 -10.19 -15.47 8.60
CA ILE C 129 -10.74 -14.33 9.35
C ILE C 129 -11.15 -14.82 10.72
N MET C 130 -10.61 -14.18 11.76
CA MET C 130 -10.83 -14.57 13.14
C MET C 130 -11.68 -13.51 13.83
N ASN C 131 -12.86 -13.90 14.31
CA ASN C 131 -13.67 -13.00 15.11
C ASN C 131 -13.08 -12.89 16.52
N TYR C 132 -12.90 -11.66 17.00
CA TYR C 132 -12.46 -11.40 18.36
C TYR C 132 -13.18 -10.16 18.88
N LYS C 133 -13.90 -10.32 20.01
CA LYS C 133 -14.65 -9.26 20.67
C LYS C 133 -15.47 -8.40 19.70
N GLY C 134 -16.29 -9.09 18.90
CA GLY C 134 -17.18 -8.42 17.96
C GLY C 134 -16.56 -7.87 16.70
N LYS C 135 -15.28 -8.08 16.45
CA LYS C 135 -14.63 -7.60 15.24
C LYS C 135 -14.09 -8.78 14.42
N ASN C 136 -14.34 -8.76 13.12
CA ASN C 136 -13.79 -9.73 12.17
C ASN C 136 -12.40 -9.27 11.74
N ASN C 137 -11.38 -10.04 12.05
CA ASN C 137 -10.00 -9.63 11.80
C ASN C 137 -9.40 -10.46 10.65
N LEU C 138 -8.96 -9.78 9.60
CA LEU C 138 -8.38 -10.44 8.44
C LEU C 138 -6.91 -10.68 8.69
N ILE C 139 -6.41 -11.87 8.31
CA ILE C 139 -4.99 -12.14 8.51
C ILE C 139 -4.17 -11.11 7.73
N ARG C 140 -3.11 -10.61 8.36
CA ARG C 140 -2.28 -9.58 7.73
C ARG C 140 -1.17 -10.14 6.83
N LYS C 141 -0.74 -11.38 7.04
CA LYS C 141 0.14 -12.04 6.09
C LYS C 141 -0.75 -12.79 5.12
N GLU C 142 -0.78 -12.35 3.86
CA GLU C 142 -1.81 -12.77 2.93
C GLU C 142 -1.41 -13.99 2.11
N ILE C 143 -2.29 -14.98 2.09
CA ILE C 143 -2.07 -16.28 1.46
C ILE C 143 -2.82 -16.34 0.13
N LYS C 144 -2.13 -16.75 -0.92
CA LYS C 144 -2.77 -16.95 -2.21
C LYS C 144 -3.61 -18.22 -2.19
N CYS C 145 -4.56 -18.31 -3.11
CA CYS C 145 -5.36 -19.51 -3.30
C CYS C 145 -5.22 -19.98 -4.75
N GLU C 146 -5.68 -21.21 -4.99
CA GLU C 146 -5.65 -21.77 -6.33
C GLU C 146 -6.80 -21.20 -7.17
N SER C 147 -6.58 -21.16 -8.48
CA SER C 147 -7.60 -20.67 -9.40
C SER C 147 -7.83 -21.58 -10.59
N ASP C 148 -7.14 -22.72 -10.70
CA ASP C 148 -7.36 -23.60 -11.85
C ASP C 148 -8.62 -24.45 -11.63
N ASP C 149 -8.83 -25.47 -12.48
CA ASP C 149 -10.12 -26.14 -12.59
C ASP C 149 -10.15 -27.56 -12.03
N ILE C 150 -9.23 -27.91 -11.12
CA ILE C 150 -9.26 -29.21 -10.47
C ILE C 150 -9.44 -29.01 -8.96
N SER C 151 -9.78 -30.09 -8.26
CA SER C 151 -10.03 -29.99 -6.83
C SER C 151 -8.74 -29.67 -6.06
N HIS C 152 -8.89 -28.93 -4.96
CA HIS C 152 -7.77 -28.68 -4.06
C HIS C 152 -8.25 -28.80 -2.62
N LEU C 153 -7.38 -29.34 -1.77
CA LEU C 153 -7.68 -29.56 -0.37
C LEU C 153 -7.14 -28.41 0.48
N TYR C 154 -8.03 -27.70 1.15
CA TYR C 154 -7.69 -26.58 2.03
C TYR C 154 -7.77 -27.05 3.48
N THR C 155 -6.69 -26.83 4.23
CA THR C 155 -6.56 -27.31 5.60
C THR C 155 -6.16 -26.15 6.51
N LEU C 156 -6.96 -25.90 7.55
CA LEU C 156 -6.64 -24.93 8.58
C LEU C 156 -6.49 -25.68 9.90
N ILE C 157 -5.31 -25.60 10.51
CA ILE C 157 -5.04 -26.18 11.82
C ILE C 157 -4.93 -25.05 12.83
N ILE C 158 -5.69 -25.15 13.92
CA ILE C 158 -5.68 -24.18 15.02
C ILE C 158 -5.27 -24.91 16.28
N ARG C 159 -4.18 -24.46 16.91
CA ARG C 159 -3.69 -25.14 18.10
C ARG C 159 -3.86 -24.28 19.36
N PRO C 160 -4.02 -24.94 20.51
CA PRO C 160 -4.27 -24.20 21.76
C PRO C 160 -3.07 -23.46 22.30
N ASN C 161 -1.90 -23.52 21.67
CA ASN C 161 -0.80 -22.65 22.01
C ASN C 161 -0.86 -21.34 21.21
N ASN C 162 -2.02 -21.02 20.63
CA ASN C 162 -2.28 -19.75 19.93
C ASN C 162 -1.54 -19.65 18.57
N THR C 163 -1.43 -20.77 17.85
CA THR C 163 -0.81 -20.80 16.52
C THR C 163 -1.69 -21.52 15.50
N TYR C 164 -1.32 -21.41 14.23
CA TYR C 164 -2.12 -21.90 13.11
C TYR C 164 -1.20 -22.42 12.02
N VAL C 165 -1.75 -23.30 11.18
CA VAL C 165 -1.12 -23.75 9.94
C VAL C 165 -2.18 -23.72 8.85
N VAL C 166 -1.81 -23.19 7.68
CA VAL C 166 -2.66 -23.28 6.49
C VAL C 166 -1.93 -24.14 5.47
N LYS C 167 -2.62 -25.16 4.95
CA LYS C 167 -2.09 -26.04 3.93
C LYS C 167 -2.98 -26.05 2.70
N ILE C 168 -2.36 -26.27 1.54
CA ILE C 168 -3.08 -26.53 0.30
C ILE C 168 -2.52 -27.81 -0.32
N ASP C 169 -3.41 -28.77 -0.62
CA ASP C 169 -3.03 -30.08 -1.14
C ASP C 169 -1.95 -30.72 -0.28
N GLY C 170 -2.14 -30.62 1.04
CA GLY C 170 -1.23 -31.25 1.99
C GLY C 170 0.08 -30.53 2.21
N VAL C 171 0.32 -29.40 1.56
CA VAL C 171 1.59 -28.70 1.63
C VAL C 171 1.41 -27.40 2.40
N GLU C 172 2.23 -27.21 3.44
N GLU C 172 2.23 -27.21 3.44
CA GLU C 172 2.17 -26.00 4.24
CA GLU C 172 2.18 -26.00 4.23
C GLU C 172 2.42 -24.77 3.37
C GLU C 172 2.41 -24.78 3.34
N LYS C 173 1.56 -23.76 3.51
CA LYS C 173 1.76 -22.50 2.82
C LYS C 173 2.07 -21.36 3.78
N GLN C 174 1.56 -21.42 5.01
CA GLN C 174 1.85 -20.40 6.00
C GLN C 174 1.57 -20.95 7.39
N GLU C 175 2.32 -20.44 8.35
CA GLU C 175 2.19 -20.82 9.75
C GLU C 175 2.69 -19.67 10.60
N GLY C 176 2.18 -19.55 11.82
CA GLY C 176 2.55 -18.42 12.66
C GLY C 176 1.69 -18.34 13.90
N LYS C 177 1.73 -17.16 14.53
CA LYS C 177 1.04 -16.91 15.80
C LYS C 177 -0.10 -15.91 15.63
N PHE C 178 -1.19 -16.14 16.38
CA PHE C 178 -2.34 -15.26 16.28
C PHE C 178 -2.02 -13.85 16.77
N ASP C 179 -1.09 -13.71 17.72
CA ASP C 179 -0.76 -12.40 18.25
C ASP C 179 0.20 -11.62 17.37
N GLU C 180 0.78 -12.24 16.34
CA GLU C 180 1.67 -11.53 15.41
C GLU C 180 1.09 -11.32 14.02
N ASP C 181 0.35 -12.29 13.47
CA ASP C 181 -0.09 -12.18 12.07
C ASP C 181 -1.47 -11.52 11.90
N TRP C 182 -2.20 -11.28 12.98
CA TRP C 182 -3.41 -10.48 12.97
C TRP C 182 -3.22 -9.25 13.86
N ASP C 183 -4.12 -8.28 13.69
CA ASP C 183 -4.21 -7.08 14.52
C ASP C 183 -5.23 -7.23 15.65
N MET C 184 -5.49 -8.47 16.07
N MET C 184 -5.52 -8.47 16.05
CA MET C 184 -6.63 -8.73 16.95
CA MET C 184 -6.63 -8.72 16.96
C MET C 184 -6.46 -8.10 18.33
C MET C 184 -6.45 -7.99 18.28
N LEU C 185 -5.22 -7.95 18.81
CA LEU C 185 -4.97 -7.42 20.14
C LEU C 185 -4.80 -5.90 20.19
N ALA C 186 -4.80 -5.21 19.05
CA ALA C 186 -4.73 -3.75 19.11
C ALA C 186 -5.93 -3.24 19.90
N PRO C 187 -5.73 -2.35 20.86
CA PRO C 187 -6.83 -1.97 21.78
C PRO C 187 -7.90 -1.10 21.14
N LYS C 188 -9.14 -1.39 21.52
CA LYS C 188 -10.27 -0.53 21.17
C LYS C 188 -10.08 0.86 21.75
N GLU C 189 -10.46 1.86 20.98
CA GLU C 189 -10.00 3.21 21.27
C GLU C 189 -10.60 3.75 22.55
N ILE C 190 -9.73 4.22 23.45
CA ILE C 190 -10.18 4.98 24.60
C ILE C 190 -10.57 6.40 24.16
N ASP C 191 -9.99 6.87 23.06
CA ASP C 191 -10.38 8.12 22.42
C ASP C 191 -10.07 9.34 23.29
N ASP C 192 -8.80 9.54 23.60
CA ASP C 192 -8.31 10.74 24.29
C ASP C 192 -6.99 11.20 23.67
N GLY C 193 -6.95 11.24 22.35
CA GLY C 193 -5.69 11.38 21.65
C GLY C 193 -4.99 10.03 21.57
N SER C 194 -3.65 10.07 21.60
CA SER C 194 -2.81 8.88 21.64
C SER C 194 -2.81 8.07 20.34
N GLY C 195 -2.00 7.01 20.30
CA GLY C 195 -1.84 6.24 19.09
C GLY C 195 -2.37 4.83 19.22
N ILE C 196 -1.86 3.92 18.38
CA ILE C 196 -2.31 2.54 18.45
C ILE C 196 -1.92 1.92 19.77
N ALA C 197 -0.69 2.16 20.24
CA ALA C 197 -0.25 1.69 21.54
C ALA C 197 -0.84 2.61 22.60
N ASN C 198 -1.63 2.04 23.54
CA ASN C 198 -2.27 2.83 24.58
C ASN C 198 -2.59 1.90 25.77
N PRO C 199 -2.91 2.47 26.94
CA PRO C 199 -3.09 1.66 28.15
C PRO C 199 -4.16 0.56 28.10
N ASP C 200 -5.08 0.55 27.14
CA ASP C 200 -6.09 -0.52 27.12
C ASP C 200 -5.56 -1.86 26.60
N TYR C 201 -4.31 -1.96 26.18
CA TYR C 201 -3.83 -3.20 25.59
C TYR C 201 -3.54 -4.25 26.67
N VAL C 202 -4.02 -5.48 26.44
CA VAL C 202 -3.71 -6.62 27.30
C VAL C 202 -3.38 -7.82 26.40
N TYR C 203 -2.37 -8.60 26.80
CA TYR C 203 -2.08 -9.83 26.09
C TYR C 203 -3.16 -10.87 26.40
N ASP C 204 -3.63 -11.56 25.36
CA ASP C 204 -4.65 -12.59 25.49
C ASP C 204 -4.18 -13.89 24.82
N PRO C 205 -3.89 -14.94 25.57
CA PRO C 205 -3.46 -16.22 24.96
C PRO C 205 -4.58 -17.02 24.32
N GLU C 206 -5.85 -16.61 24.50
CA GLU C 206 -6.99 -17.39 24.02
C GLU C 206 -7.59 -16.80 22.75
N LEU C 207 -6.76 -16.14 21.93
CA LEU C 207 -7.21 -15.68 20.62
C LEU C 207 -7.71 -16.87 19.78
N TYR C 208 -7.09 -18.04 19.96
CA TYR C 208 -7.45 -19.23 19.20
C TYR C 208 -8.84 -19.79 19.55
N LYS C 209 -9.40 -19.43 20.72
CA LYS C 209 -10.48 -20.20 21.34
C LYS C 209 -11.86 -19.59 21.08
N TYR C 210 -12.84 -20.48 20.81
CA TYR C 210 -14.23 -20.08 20.72
C TYR C 210 -15.08 -20.96 21.63
N ASP C 211 -16.06 -20.34 22.29
CA ASP C 211 -16.90 -21.04 23.25
C ASP C 211 -17.90 -21.98 22.59
N SER C 212 -18.29 -21.69 21.35
CA SER C 212 -19.37 -22.45 20.72
C SER C 212 -19.16 -22.53 19.22
N PHE C 213 -19.09 -23.76 18.71
CA PHE C 213 -19.24 -24.10 17.30
C PHE C 213 -20.53 -24.90 17.19
N ALA C 214 -21.49 -24.43 16.39
CA ALA C 214 -22.77 -25.13 16.28
C ALA C 214 -23.29 -25.28 14.86
N TYR C 215 -22.92 -24.39 13.93
CA TYR C 215 -23.37 -24.47 12.56
C TYR C 215 -22.18 -24.28 11.63
N ILE C 216 -22.33 -24.78 10.40
CA ILE C 216 -21.45 -24.43 9.29
C ILE C 216 -22.32 -23.83 8.20
N GLY C 217 -21.84 -22.76 7.58
CA GLY C 217 -22.60 -22.08 6.56
C GLY C 217 -21.76 -21.83 5.31
N ILE C 218 -22.44 -21.88 4.17
CA ILE C 218 -21.89 -21.45 2.90
C ILE C 218 -22.64 -20.20 2.48
N ASP C 219 -21.89 -19.12 2.21
CA ASP C 219 -22.48 -17.81 1.91
C ASP C 219 -21.58 -17.13 0.87
N VAL C 220 -21.80 -17.46 -0.40
CA VAL C 220 -20.88 -17.01 -1.42
C VAL C 220 -21.66 -16.43 -2.57
N TRP C 221 -21.08 -15.39 -3.18
CA TRP C 221 -21.49 -14.85 -4.47
C TRP C 221 -20.80 -15.60 -5.60
N GLN C 222 -21.51 -15.80 -6.72
CA GLN C 222 -20.95 -16.41 -7.93
C GLN C 222 -21.32 -15.60 -9.16
N VAL C 223 -20.33 -15.28 -10.01
CA VAL C 223 -20.64 -14.85 -11.36
C VAL C 223 -20.81 -16.09 -12.24
N LYS C 224 -19.72 -16.67 -12.72
CA LYS C 224 -19.74 -18.00 -13.34
C LYS C 224 -19.93 -19.06 -12.25
N ALA C 225 -21.06 -19.74 -12.27
CA ALA C 225 -21.32 -20.77 -11.29
C ALA C 225 -20.66 -22.08 -11.70
N GLY C 226 -20.67 -23.04 -10.78
CA GLY C 226 -20.13 -24.36 -11.05
C GLY C 226 -19.18 -24.84 -9.97
N THR C 227 -18.92 -23.98 -8.99
CA THR C 227 -18.10 -24.34 -7.85
C THR C 227 -18.65 -25.58 -7.16
N ILE C 228 -17.75 -26.49 -6.79
CA ILE C 228 -18.16 -27.74 -6.15
C ILE C 228 -17.47 -27.87 -4.81
N TYR C 229 -18.27 -27.98 -3.75
CA TYR C 229 -17.80 -28.42 -2.46
C TYR C 229 -17.93 -29.93 -2.43
N ASP C 230 -16.79 -30.62 -2.37
CA ASP C 230 -16.76 -32.08 -2.49
C ASP C 230 -16.89 -32.74 -1.12
N ASP C 231 -16.15 -32.28 -0.13
CA ASP C 231 -16.02 -33.02 1.12
C ASP C 231 -15.62 -32.02 2.19
N ILE C 232 -16.22 -32.13 3.38
CA ILE C 232 -15.95 -31.23 4.51
C ILE C 232 -15.71 -32.05 5.76
N LEU C 233 -14.60 -31.80 6.43
CA LEU C 233 -14.23 -32.52 7.64
C LEU C 233 -13.90 -31.52 8.75
N ILE C 234 -14.38 -31.80 9.95
CA ILE C 234 -14.07 -31.00 11.13
C ILE C 234 -13.79 -31.94 12.27
N THR C 235 -12.57 -31.88 12.82
CA THR C 235 -12.16 -32.87 13.81
C THR C 235 -11.20 -32.22 14.79
N ASP C 236 -10.99 -32.89 15.92
CA ASP C 236 -10.02 -32.46 16.91
C ASP C 236 -8.71 -33.27 16.84
N ASP C 237 -8.53 -34.09 15.81
CA ASP C 237 -7.40 -35.02 15.73
C ASP C 237 -6.58 -34.77 14.46
N ILE C 238 -5.32 -34.35 14.64
CA ILE C 238 -4.43 -34.13 13.49
C ILE C 238 -4.24 -35.40 12.66
N GLU C 239 -4.03 -36.54 13.32
CA GLU C 239 -3.74 -37.77 12.56
C GLU C 239 -4.96 -38.22 11.77
N GLU C 240 -6.16 -38.08 12.34
CA GLU C 240 -7.37 -38.42 11.59
C GLU C 240 -7.49 -37.56 10.34
N ALA C 241 -7.19 -36.26 10.46
CA ALA C 241 -7.25 -35.38 9.29
C ALA C 241 -6.20 -35.76 8.25
N GLU C 242 -5.00 -36.14 8.69
CA GLU C 242 -3.99 -36.59 7.75
C GLU C 242 -4.43 -37.88 7.06
N LYS C 243 -5.12 -38.76 7.79
CA LYS C 243 -5.57 -40.02 7.22
C LYS C 243 -6.62 -39.80 6.14
N GLU C 244 -7.57 -38.91 6.39
CA GLU C 244 -8.60 -38.66 5.39
C GLU C 244 -8.07 -37.80 4.24
N ALA C 245 -7.09 -36.93 4.52
CA ALA C 245 -6.46 -36.17 3.43
C ALA C 245 -5.85 -37.09 2.38
N LYS C 246 -5.18 -38.17 2.82
CA LYS C 246 -4.56 -39.10 1.88
C LYS C 246 -5.60 -39.70 0.95
N VAL C 247 -6.75 -40.10 1.49
CA VAL C 247 -7.82 -40.61 0.64
C VAL C 247 -8.20 -39.58 -0.41
N ILE C 248 -8.40 -38.33 0.01
CA ILE C 248 -8.88 -37.31 -0.91
C ILE C 248 -7.81 -36.94 -1.95
N LEU C 249 -6.56 -36.79 -1.53
CA LEU C 249 -5.50 -36.44 -2.48
C LEU C 249 -5.28 -37.56 -3.48
N GLU C 250 -5.48 -38.81 -3.07
CA GLU C 250 -5.42 -39.92 -4.01
C GLU C 250 -6.57 -39.82 -5.03
N ARG C 251 -7.78 -39.53 -4.55
CA ARG C 251 -8.92 -39.38 -5.45
C ARG C 251 -8.71 -38.20 -6.41
N ASN C 252 -8.22 -37.06 -5.88
CA ASN C 252 -7.89 -35.91 -6.72
C ASN C 252 -6.84 -36.26 -7.79
N ALA C 253 -5.87 -37.10 -7.47
CA ALA C 253 -4.86 -37.48 -8.47
C ALA C 253 -5.49 -38.24 -9.64
N ALA C 254 -6.44 -39.13 -9.36
CA ALA C 254 -7.17 -39.77 -10.44
C ALA C 254 -8.04 -38.76 -11.19
N GLU C 255 -8.65 -37.82 -10.47
CA GLU C 255 -9.41 -36.75 -11.10
C GLU C 255 -8.56 -35.97 -12.10
N LYS C 256 -7.36 -35.56 -11.67
CA LYS C 256 -6.48 -34.80 -12.55
C LYS C 256 -6.11 -35.59 -13.81
N LYS C 257 -5.83 -36.90 -13.67
CA LYS C 257 -5.51 -37.69 -14.85
C LYS C 257 -6.67 -37.68 -15.83
N MET C 258 -7.90 -37.75 -15.32
CA MET C 258 -9.07 -37.68 -16.18
C MET C 258 -9.18 -36.31 -16.84
N ARG C 259 -8.97 -35.23 -16.07
CA ARG C 259 -9.13 -33.90 -16.65
C ARG C 259 -8.09 -33.65 -17.74
N ASP C 260 -6.83 -34.01 -17.49
CA ASP C 260 -5.80 -33.84 -18.51
C ASP C 260 -6.14 -34.60 -19.78
N GLU C 261 -6.71 -35.79 -19.63
CA GLU C 261 -7.08 -36.57 -20.82
C GLU C 261 -8.16 -35.85 -21.61
N ILE C 262 -9.16 -35.31 -20.92
CA ILE C 262 -10.22 -34.59 -21.61
C ILE C 262 -9.67 -33.32 -22.26
N LYS C 263 -8.78 -32.62 -21.56
CA LYS C 263 -8.16 -31.43 -22.15
C LYS C 263 -7.30 -31.78 -23.36
N GLU C 264 -6.68 -32.96 -23.35
CA GLU C 264 -5.83 -33.38 -24.46
C GLU C 264 -6.60 -33.43 -25.77
N ALA C 265 -7.92 -33.62 -25.72
CA ALA C 265 -8.71 -33.72 -26.93
C ALA C 265 -9.01 -32.35 -27.55
N GLU C 266 -8.83 -31.27 -26.79
CA GLU C 266 -9.06 -29.91 -27.29
C GLU C 266 -7.82 -29.31 -27.93
#